data_8K5S
#
_entry.id   8K5S
#
_cell.length_a   124.041
_cell.length_b   57.649
_cell.length_c   171.427
_cell.angle_alpha   90.000
_cell.angle_beta   96.640
_cell.angle_gamma   90.000
#
_symmetry.space_group_name_H-M   'I 1 2 1'
#
loop_
_entity.id
_entity.type
_entity.pdbx_description
1 polymer 'Enterobactin synthase component E'
2 non-polymer '[(2~{R},3~{S},4~{R},5~{R})-5-(6-aminopurin-9-yl)-3,4-bis(oxidanyl)oxolan-2-yl]methyl ~{N}-(3-prop-2-ynoxyphenyl)carbonylsulfamate'
3 water water
#
_entity_poly.entity_id   1
_entity_poly.type   'polypeptide(L)'
_entity_poly.pdbx_seq_one_letter_code
;MSIPFTRWPEEFARRYREKGYWQDLPLTDILTRHAASDSIAVIDGERQLSYRELNQAADNLACSLRRQGIKPGETALVQL
GNVAELYITFFALLKLGVAPVLALFSHQRSELNAYASQIEPALLIADRQHALFSGDDFLNTFVTEHSSIRVVQLLNDSGE
HNLQDAINHPAEDFTATPSPADEVAYFQLSGGTTGTPKLIPRTHNDYYYSVRRSVEICQFTQQTRYLCAIPAAHGYAMSS
PGSLGVFLAGGTVVLAADPSATLCFPLIEKHQVNVTALVPPAVSLWLQALIEGESRAQLASLKLLQVGGARLSATLAARI
PAEIGCQLQQVFGMAEGLVNYTRLDDSAEKIIHTQGYPMCPDDEVWVADAEGNPLPQGEVGRLMTRGPYTFRGYYKSPQH
NASAFDANGFYCSGDLISIDPEGYITVQGREKDQINRGGEKIAAEEIENLLLRHPAVIYAALVSMEDELMGEKSCAYLVV
KEPLRAVQVRRFLREQGIAEFKLPDRVECVDSLPLTAVGKVDKKQLRQWLASRASATNSSSVDKLAAALEHHHHHH
;
_entity_poly.pdbx_strand_id   A,B
#
loop_
_chem_comp.id
_chem_comp.type
_chem_comp.name
_chem_comp.formula
VPT non-polymer '[(2~{R},3~{S},4~{R},5~{R})-5-(6-aminopurin-9-yl)-3,4-bis(oxidanyl)oxolan-2-yl]methyl ~{N}-(3-prop-2-ynoxyphenyl)carbonylsulfamate' 'C20 H20 N6 O8 S'
#
# COMPACT_ATOMS: atom_id res chain seq x y z
N ILE A 3 -9.42 -23.92 40.64
CA ILE A 3 -9.15 -23.47 39.22
C ILE A 3 -10.09 -22.33 38.88
N PRO A 4 -9.58 -21.09 38.66
CA PRO A 4 -10.44 -19.93 38.45
C PRO A 4 -10.96 -19.75 37.03
N PHE A 5 -12.26 -19.49 36.90
CA PHE A 5 -12.94 -19.13 35.64
C PHE A 5 -14.05 -18.10 35.89
N THR A 6 -14.61 -17.54 34.82
CA THR A 6 -15.73 -16.57 34.92
C THR A 6 -17.03 -17.37 35.03
N ARG A 7 -17.68 -17.33 36.18
CA ARG A 7 -18.95 -18.03 36.45
C ARG A 7 -20.04 -17.30 35.68
N TRP A 8 -21.15 -18.00 35.41
CA TRP A 8 -22.41 -17.37 34.94
C TRP A 8 -22.99 -16.60 36.12
N PRO A 9 -23.72 -15.48 35.90
CA PRO A 9 -24.50 -14.87 36.99
C PRO A 9 -25.50 -15.89 37.57
N GLU A 10 -25.75 -15.83 38.87
CA GLU A 10 -26.58 -16.82 39.63
C GLU A 10 -27.97 -16.96 38.99
N GLU A 11 -28.53 -15.85 38.50
CA GLU A 11 -29.87 -15.83 37.87
C GLU A 11 -29.84 -16.67 36.57
N PHE A 12 -28.74 -16.59 35.79
CA PHE A 12 -28.56 -17.42 34.56
C PHE A 12 -28.37 -18.91 34.94
N ALA A 13 -27.52 -19.22 35.93
CA ALA A 13 -27.29 -20.61 36.39
C ALA A 13 -28.62 -21.22 36.86
N ARG A 14 -29.46 -20.47 37.59
CA ARG A 14 -30.73 -20.98 38.16
C ARG A 14 -31.70 -21.30 37.02
N ARG A 15 -31.83 -20.40 36.04
CA ARG A 15 -32.67 -20.62 34.84
C ARG A 15 -32.16 -21.87 34.09
N TYR A 16 -30.86 -21.97 33.85
CA TYR A 16 -30.27 -23.07 33.03
C TYR A 16 -30.53 -24.41 33.73
N ARG A 17 -30.51 -24.45 35.06
CA ARG A 17 -30.87 -25.67 35.83
C ARG A 17 -32.39 -25.92 35.74
N GLU A 18 -33.22 -24.89 35.95
CA GLU A 18 -34.71 -24.97 35.93
C GLU A 18 -35.22 -25.58 34.61
N LYS A 19 -34.56 -25.31 33.48
CA LYS A 19 -35.01 -25.73 32.12
C LYS A 19 -34.31 -27.02 31.70
N GLY A 20 -33.44 -27.57 32.54
CA GLY A 20 -32.93 -28.95 32.40
C GLY A 20 -31.65 -29.04 31.60
N TYR A 21 -31.03 -27.90 31.32
CA TYR A 21 -29.78 -27.79 30.50
C TYR A 21 -28.61 -28.29 31.35
N TRP A 22 -28.49 -27.74 32.54
CA TRP A 22 -27.48 -28.07 33.57
C TRP A 22 -28.06 -29.16 34.47
N GLN A 23 -27.55 -30.39 34.30
CA GLN A 23 -28.03 -31.61 35.00
C GLN A 23 -27.18 -31.91 36.26
N ASP A 24 -26.09 -31.18 36.49
CA ASP A 24 -25.16 -31.34 37.65
C ASP A 24 -24.56 -32.75 37.71
N LEU A 25 -24.34 -33.39 36.56
CA LEU A 25 -23.57 -34.67 36.47
C LEU A 25 -22.16 -34.40 35.94
N PRO A 26 -21.12 -35.11 36.43
CA PRO A 26 -19.79 -35.02 35.83
C PRO A 26 -19.83 -35.60 34.41
N LEU A 27 -18.85 -35.26 33.57
CA LEU A 27 -18.73 -35.75 32.17
C LEU A 27 -18.40 -37.24 32.18
N THR A 28 -17.81 -37.75 33.27
CA THR A 28 -17.43 -39.18 33.46
C THR A 28 -18.66 -40.07 33.26
N ASP A 29 -19.85 -39.52 33.53
CA ASP A 29 -21.16 -40.22 33.47
C ASP A 29 -21.41 -40.64 32.02
N ILE A 30 -20.75 -39.98 31.04
CA ILE A 30 -20.88 -40.31 29.59
C ILE A 30 -20.35 -41.74 29.35
N LEU A 31 -19.30 -42.12 30.08
CA LEU A 31 -18.64 -43.42 29.97
C LEU A 31 -19.17 -44.40 31.05
N THR A 32 -19.31 -43.97 32.30
CA THR A 32 -19.64 -44.89 33.42
C THR A 32 -21.06 -45.46 33.24
N ARG A 33 -21.98 -44.78 32.58
CA ARG A 33 -23.32 -45.37 32.32
C ARG A 33 -23.17 -46.67 31.52
N HIS A 34 -22.07 -46.84 30.78
CA HIS A 34 -21.81 -48.00 29.88
C HIS A 34 -20.76 -48.93 30.47
N ALA A 35 -20.42 -48.78 31.75
CA ALA A 35 -19.24 -49.43 32.38
C ALA A 35 -19.40 -50.96 32.32
N ALA A 36 -20.63 -51.44 32.26
CA ALA A 36 -20.97 -52.88 32.26
C ALA A 36 -21.13 -53.41 30.84
N SER A 37 -20.89 -52.60 29.80
CA SER A 37 -21.23 -52.96 28.40
C SER A 37 -19.99 -53.48 27.67
N ASP A 38 -20.15 -54.51 26.85
CA ASP A 38 -19.09 -55.11 26.00
C ASP A 38 -19.34 -54.76 24.53
N SER A 39 -20.28 -53.86 24.23
CA SER A 39 -20.38 -53.31 22.84
C SER A 39 -19.13 -52.48 22.56
N ILE A 40 -18.72 -52.42 21.29
CA ILE A 40 -17.48 -51.70 20.87
C ILE A 40 -17.76 -50.19 20.84
N ALA A 41 -16.93 -49.46 21.59
CA ALA A 41 -16.93 -47.98 21.76
C ALA A 41 -15.91 -47.33 20.82
N VAL A 42 -14.75 -47.97 20.58
CA VAL A 42 -13.62 -47.38 19.81
C VAL A 42 -12.97 -48.44 18.93
N ILE A 43 -12.84 -48.14 17.64
CA ILE A 43 -12.00 -48.94 16.69
C ILE A 43 -10.82 -48.08 16.21
N ASP A 44 -9.61 -48.60 16.36
CA ASP A 44 -8.34 -47.89 16.03
C ASP A 44 -7.40 -48.89 15.34
N GLY A 45 -7.41 -48.93 14.00
CA GLY A 45 -6.79 -50.00 13.21
C GLY A 45 -7.38 -51.38 13.52
N GLU A 46 -6.58 -52.31 14.06
CA GLU A 46 -6.98 -53.74 14.33
C GLU A 46 -7.67 -53.82 15.70
N ARG A 47 -7.45 -52.80 16.55
CA ARG A 47 -7.84 -52.78 18.00
C ARG A 47 -9.29 -52.31 18.15
N GLN A 48 -10.05 -53.01 18.98
CA GLN A 48 -11.48 -52.72 19.27
C GLN A 48 -11.68 -52.74 20.79
N LEU A 49 -12.00 -51.59 21.38
CA LEU A 49 -12.18 -51.44 22.85
C LEU A 49 -13.68 -51.35 23.15
N SER A 50 -14.15 -52.19 24.08
CA SER A 50 -15.54 -52.16 24.61
C SER A 50 -15.68 -50.95 25.54
N TYR A 51 -16.90 -50.56 25.90
CA TYR A 51 -17.14 -49.56 26.96
C TYR A 51 -16.55 -50.08 28.29
N ARG A 52 -16.68 -51.39 28.56
CA ARG A 52 -16.15 -52.02 29.81
C ARG A 52 -14.64 -51.80 29.88
N GLU A 53 -13.93 -52.06 28.78
CA GLU A 53 -12.45 -51.96 28.70
C GLU A 53 -12.00 -50.50 28.79
N LEU A 54 -12.68 -49.61 28.05
CA LEU A 54 -12.42 -48.15 28.00
C LEU A 54 -12.54 -47.58 29.43
N ASN A 55 -13.65 -47.88 30.11
CA ASN A 55 -13.89 -47.43 31.51
C ASN A 55 -12.84 -48.03 32.45
N GLN A 56 -12.45 -49.29 32.25
CA GLN A 56 -11.40 -49.96 33.08
C GLN A 56 -10.05 -49.30 32.80
N ALA A 57 -9.73 -49.02 31.54
CA ALA A 57 -8.45 -48.36 31.16
C ALA A 57 -8.35 -46.98 31.87
N ALA A 58 -9.39 -46.15 31.73
CA ALA A 58 -9.48 -44.79 32.34
C ALA A 58 -9.24 -44.88 33.85
N ASP A 59 -9.90 -45.82 34.54
CA ASP A 59 -9.71 -46.10 36.00
C ASP A 59 -8.27 -46.50 36.25
N ASN A 60 -7.75 -47.44 35.49
CA ASN A 60 -6.34 -47.91 35.65
C ASN A 60 -5.43 -46.69 35.63
N LEU A 61 -5.49 -45.89 34.58
CA LEU A 61 -4.63 -44.70 34.38
C LEU A 61 -4.88 -43.67 35.49
N ALA A 62 -6.14 -43.39 35.83
CA ALA A 62 -6.52 -42.47 36.94
C ALA A 62 -5.80 -42.90 38.21
N CYS A 63 -5.84 -44.20 38.52
CA CYS A 63 -5.28 -44.79 39.76
C CYS A 63 -3.76 -44.63 39.76
N SER A 64 -3.13 -45.06 38.66
CA SER A 64 -1.68 -44.98 38.40
C SER A 64 -1.20 -43.55 38.62
N LEU A 65 -1.88 -42.57 38.03
CA LEU A 65 -1.54 -41.12 38.16
C LEU A 65 -1.72 -40.71 39.62
N ARG A 66 -2.77 -41.16 40.30
CA ARG A 66 -3.04 -40.82 41.72
C ARG A 66 -1.87 -41.37 42.56
N ARG A 67 -1.43 -42.60 42.29
CA ARG A 67 -0.26 -43.29 42.92
C ARG A 67 1.03 -42.47 42.69
N GLN A 68 1.17 -41.76 41.55
CA GLN A 68 2.39 -40.98 41.18
C GLN A 68 2.29 -39.54 41.72
N GLY A 69 1.16 -39.17 42.35
CA GLY A 69 1.04 -37.95 43.18
C GLY A 69 0.17 -36.86 42.55
N ILE A 70 -0.53 -37.14 41.45
CA ILE A 70 -1.45 -36.15 40.78
C ILE A 70 -2.74 -36.01 41.60
N LYS A 71 -3.25 -34.80 41.77
CA LYS A 71 -4.36 -34.48 42.70
C LYS A 71 -5.45 -33.68 42.01
N PRO A 72 -6.71 -33.79 42.51
CA PRO A 72 -7.82 -32.97 42.01
C PRO A 72 -7.50 -31.46 42.01
N GLY A 73 -8.04 -30.73 41.02
CA GLY A 73 -7.86 -29.28 40.86
C GLY A 73 -6.53 -28.91 40.22
N GLU A 74 -5.64 -29.90 39.95
CA GLU A 74 -4.43 -29.66 39.14
C GLU A 74 -4.82 -29.71 37.66
N THR A 75 -3.98 -29.12 36.80
CA THR A 75 -4.12 -29.08 35.33
C THR A 75 -3.13 -30.06 34.68
N ALA A 76 -3.29 -30.33 33.39
CA ALA A 76 -2.37 -31.21 32.62
C ALA A 76 -2.33 -30.77 31.15
N LEU A 77 -1.16 -30.91 30.52
CA LEU A 77 -1.00 -30.77 29.05
C LEU A 77 -1.00 -32.17 28.41
N VAL A 78 -1.88 -32.38 27.45
CA VAL A 78 -2.05 -33.69 26.76
C VAL A 78 -1.94 -33.48 25.25
N GLN A 79 -1.08 -34.24 24.59
CA GLN A 79 -0.86 -34.15 23.12
C GLN A 79 -0.86 -35.56 22.51
N LEU A 80 -2.04 -36.08 22.26
CA LEU A 80 -2.29 -37.37 21.57
C LEU A 80 -3.14 -37.06 20.34
N GLY A 81 -2.88 -37.79 19.24
CA GLY A 81 -3.57 -37.62 17.96
C GLY A 81 -4.83 -38.48 17.92
N ASN A 82 -5.10 -39.09 16.76
CA ASN A 82 -6.34 -39.88 16.51
C ASN A 82 -6.08 -41.31 17.01
N VAL A 83 -5.87 -41.49 18.31
CA VAL A 83 -5.61 -42.82 18.95
C VAL A 83 -6.56 -43.06 20.13
N ALA A 84 -6.80 -44.33 20.44
CA ALA A 84 -7.67 -44.75 21.56
C ALA A 84 -7.22 -44.10 22.88
N GLU A 85 -5.93 -43.90 23.05
CA GLU A 85 -5.38 -43.40 24.33
C GLU A 85 -5.80 -41.95 24.53
N LEU A 86 -6.24 -41.25 23.46
CA LEU A 86 -6.81 -39.89 23.62
C LEU A 86 -8.02 -40.00 24.56
N TYR A 87 -8.95 -40.90 24.26
CA TYR A 87 -10.23 -41.03 24.99
C TYR A 87 -9.97 -41.55 26.42
N ILE A 88 -9.20 -42.64 26.56
CA ILE A 88 -8.78 -43.22 27.88
C ILE A 88 -8.25 -42.09 28.76
N THR A 89 -7.27 -41.34 28.26
CA THR A 89 -6.59 -40.22 28.98
C THR A 89 -7.60 -39.14 29.40
N PHE A 90 -8.50 -38.75 28.49
CA PHE A 90 -9.48 -37.67 28.74
C PHE A 90 -10.36 -38.13 29.92
N PHE A 91 -10.81 -39.38 29.90
CA PHE A 91 -11.72 -39.90 30.96
C PHE A 91 -10.94 -40.11 32.26
N ALA A 92 -9.69 -40.57 32.20
CA ALA A 92 -8.88 -40.75 33.43
C ALA A 92 -8.81 -39.38 34.15
N LEU A 93 -8.33 -38.36 33.46
CA LEU A 93 -8.16 -37.03 34.07
C LEU A 93 -9.52 -36.50 34.57
N LEU A 94 -10.62 -36.81 33.90
CA LEU A 94 -11.97 -36.39 34.36
C LEU A 94 -12.32 -37.09 35.69
N LYS A 95 -11.97 -38.37 35.81
CA LYS A 95 -12.22 -39.18 37.05
C LYS A 95 -11.33 -38.71 38.21
N LEU A 96 -10.20 -38.05 37.92
CA LEU A 96 -9.27 -37.51 38.96
C LEU A 96 -9.62 -36.07 39.33
N GLY A 97 -10.41 -35.36 38.52
CA GLY A 97 -10.68 -33.91 38.69
C GLY A 97 -9.46 -33.08 38.27
N VAL A 98 -8.61 -33.62 37.38
CA VAL A 98 -7.49 -32.89 36.71
C VAL A 98 -8.05 -32.33 35.42
N ALA A 99 -7.83 -31.03 35.15
CA ALA A 99 -8.38 -30.33 33.98
C ALA A 99 -7.29 -30.21 32.91
N PRO A 100 -7.38 -30.95 31.79
CA PRO A 100 -6.39 -30.87 30.73
C PRO A 100 -6.66 -29.83 29.64
N VAL A 101 -5.58 -29.45 28.95
CA VAL A 101 -5.56 -28.92 27.55
C VAL A 101 -5.24 -30.11 26.65
N LEU A 102 -6.05 -30.33 25.61
CA LEU A 102 -5.74 -31.31 24.52
C LEU A 102 -5.08 -30.58 23.35
N ALA A 103 -3.75 -30.54 23.32
CA ALA A 103 -3.00 -30.09 22.12
C ALA A 103 -3.30 -31.04 20.96
N LEU A 104 -3.36 -30.51 19.75
CA LEU A 104 -3.38 -31.30 18.49
C LEU A 104 -1.97 -31.78 18.21
N PHE A 105 -1.84 -33.00 17.68
CA PHE A 105 -0.55 -33.60 17.22
C PHE A 105 0.24 -32.56 16.42
N SER A 106 -0.42 -31.77 15.56
CA SER A 106 0.23 -30.85 14.61
C SER A 106 1.05 -29.78 15.36
N HIS A 107 0.65 -29.47 16.60
CA HIS A 107 1.21 -28.37 17.44
C HIS A 107 2.66 -28.70 17.81
N GLN A 108 3.49 -27.67 18.02
CA GLN A 108 4.96 -27.76 18.18
C GLN A 108 5.42 -26.94 19.41
N ARG A 109 6.70 -26.56 19.52
CA ARG A 109 7.32 -25.95 20.73
C ARG A 109 6.52 -24.72 21.17
N SER A 110 6.33 -23.77 20.26
CA SER A 110 5.78 -22.44 20.59
C SER A 110 4.39 -22.64 21.23
N GLU A 111 3.57 -23.53 20.68
CA GLU A 111 2.18 -23.75 21.18
C GLU A 111 2.23 -24.51 22.50
N LEU A 112 3.01 -25.60 22.60
CA LEU A 112 3.09 -26.39 23.85
C LEU A 112 3.59 -25.48 24.97
N ASN A 113 4.65 -24.71 24.70
CA ASN A 113 5.25 -23.76 25.69
C ASN A 113 4.14 -22.82 26.17
N ALA A 114 3.41 -22.20 25.23
CA ALA A 114 2.33 -21.23 25.52
C ALA A 114 1.29 -21.92 26.38
N TYR A 115 0.93 -23.15 26.07
CA TYR A 115 -0.15 -23.85 26.82
C TYR A 115 0.37 -24.11 28.25
N ALA A 116 1.58 -24.68 28.38
CA ALA A 116 2.19 -25.01 29.69
C ALA A 116 2.36 -23.74 30.52
N SER A 117 2.72 -22.62 29.92
CA SER A 117 2.96 -21.33 30.63
C SER A 117 1.67 -20.85 31.28
N GLN A 118 0.53 -21.01 30.61
CA GLN A 118 -0.75 -20.48 31.15
C GLN A 118 -1.38 -21.40 32.21
N ILE A 119 -1.22 -22.72 32.14
CA ILE A 119 -2.00 -23.68 32.99
C ILE A 119 -1.13 -24.27 34.11
N GLU A 120 0.20 -24.18 33.99
CA GLU A 120 1.16 -24.74 35.00
C GLU A 120 0.79 -26.21 35.25
N PRO A 121 0.91 -27.08 34.23
CA PRO A 121 0.44 -28.45 34.34
C PRO A 121 1.32 -29.27 35.30
N ALA A 122 0.71 -30.18 36.04
CA ALA A 122 1.41 -31.13 36.93
C ALA A 122 1.71 -32.41 36.12
N LEU A 123 1.02 -32.57 35.01
CA LEU A 123 1.12 -33.80 34.18
C LEU A 123 1.35 -33.41 32.72
N LEU A 124 2.23 -34.15 32.05
CA LEU A 124 2.46 -34.05 30.59
C LEU A 124 2.26 -35.45 30.01
N ILE A 125 1.38 -35.56 29.02
CA ILE A 125 1.15 -36.81 28.27
C ILE A 125 1.38 -36.50 26.78
N ALA A 126 2.32 -37.20 26.14
CA ALA A 126 2.69 -36.97 24.72
C ALA A 126 3.00 -38.32 24.07
N ASP A 127 3.52 -38.30 22.83
CA ASP A 127 3.69 -39.48 21.96
C ASP A 127 5.12 -39.48 21.41
N ARG A 128 5.87 -40.57 21.60
CA ARG A 128 7.27 -40.69 21.12
C ARG A 128 7.27 -40.69 19.59
N GLN A 129 6.12 -40.82 18.98
CA GLN A 129 5.98 -40.73 17.51
C GLN A 129 6.04 -39.27 17.08
N HIS A 130 5.74 -38.32 17.98
CA HIS A 130 5.83 -36.88 17.69
C HIS A 130 7.32 -36.48 17.60
N ALA A 131 7.73 -35.72 16.59
CA ALA A 131 9.15 -35.31 16.36
C ALA A 131 9.75 -34.73 17.65
N LEU A 132 8.99 -33.97 18.44
CA LEU A 132 9.46 -33.32 19.70
C LEU A 132 9.77 -34.38 20.77
N PHE A 133 9.20 -35.57 20.70
CA PHE A 133 9.21 -36.52 21.85
C PHE A 133 9.89 -37.85 21.49
N SER A 134 10.45 -38.05 20.29
CA SER A 134 11.21 -39.28 19.95
C SER A 134 12.57 -39.30 20.68
N GLY A 135 13.10 -38.11 21.02
CA GLY A 135 14.28 -37.96 21.89
C GLY A 135 13.90 -37.56 23.30
N ASP A 136 14.89 -37.25 24.13
CA ASP A 136 14.69 -36.78 25.52
C ASP A 136 15.21 -35.34 25.67
N ASP A 137 15.82 -34.78 24.61
CA ASP A 137 16.42 -33.43 24.65
C ASP A 137 15.33 -32.39 24.94
N PHE A 138 14.26 -32.32 24.14
CA PHE A 138 13.20 -31.31 24.30
C PHE A 138 12.46 -31.52 25.63
N LEU A 139 12.16 -32.77 25.95
CA LEU A 139 11.52 -33.08 27.25
C LEU A 139 12.33 -32.44 28.39
N ASN A 140 13.63 -32.64 28.39
CA ASN A 140 14.58 -32.08 29.39
C ASN A 140 14.41 -30.56 29.44
N THR A 141 14.39 -29.88 28.30
CA THR A 141 14.20 -28.41 28.28
C THR A 141 12.80 -28.11 28.80
N PHE A 142 11.79 -28.78 28.26
CA PHE A 142 10.36 -28.51 28.56
C PHE A 142 10.09 -28.62 30.05
N VAL A 143 10.57 -29.68 30.65
CA VAL A 143 10.31 -30.04 32.07
C VAL A 143 11.14 -29.12 33.00
N THR A 144 12.29 -28.61 32.56
CA THR A 144 13.06 -27.55 33.27
C THR A 144 12.30 -26.22 33.24
N GLU A 145 11.88 -25.76 32.06
CA GLU A 145 11.23 -24.44 31.88
C GLU A 145 9.83 -24.43 32.50
N HIS A 146 9.19 -25.58 32.67
CA HIS A 146 7.80 -25.74 33.20
C HIS A 146 7.86 -26.64 34.44
N SER A 147 8.40 -26.08 35.53
CA SER A 147 8.71 -26.76 36.80
C SER A 147 7.44 -27.29 37.48
N SER A 148 6.25 -26.86 37.06
CA SER A 148 4.94 -27.37 37.55
C SER A 148 4.86 -28.87 37.27
N ILE A 149 5.43 -29.33 36.14
CA ILE A 149 5.32 -30.75 35.66
C ILE A 149 6.07 -31.67 36.64
N ARG A 150 5.36 -32.62 37.24
CA ARG A 150 5.91 -33.62 38.20
C ARG A 150 5.96 -35.03 37.56
N VAL A 151 5.10 -35.29 36.56
CA VAL A 151 4.89 -36.62 35.93
C VAL A 151 4.85 -36.44 34.41
N VAL A 152 5.53 -37.33 33.70
CA VAL A 152 5.55 -37.44 32.22
C VAL A 152 5.13 -38.87 31.85
N GLN A 153 3.99 -39.05 31.15
CA GLN A 153 3.59 -40.35 30.56
C GLN A 153 3.66 -40.19 29.03
N LEU A 154 4.21 -41.18 28.34
CA LEU A 154 4.53 -41.16 26.91
C LEU A 154 3.99 -42.42 26.25
N LEU A 155 3.13 -42.25 25.26
CA LEU A 155 2.71 -43.26 24.27
C LEU A 155 3.94 -43.65 23.44
N ASN A 156 4.02 -44.93 23.08
CA ASN A 156 5.01 -45.54 22.15
C ASN A 156 6.40 -45.38 22.77
N ASP A 157 6.48 -45.60 24.09
CA ASP A 157 7.72 -45.60 24.92
C ASP A 157 7.78 -46.97 25.58
N SER A 158 8.98 -47.51 25.79
CA SER A 158 9.20 -48.81 26.50
C SER A 158 10.13 -48.64 27.72
N GLY A 159 10.45 -47.39 28.08
CA GLY A 159 11.22 -47.02 29.29
C GLY A 159 10.31 -46.85 30.50
N GLU A 160 10.72 -46.00 31.45
CA GLU A 160 10.06 -45.84 32.77
C GLU A 160 8.76 -45.07 32.60
N HIS A 161 8.57 -44.37 31.46
CA HIS A 161 7.47 -43.39 31.27
C HIS A 161 6.39 -43.92 30.31
N ASN A 162 6.31 -45.24 30.12
CA ASN A 162 5.36 -45.90 29.20
C ASN A 162 3.93 -45.68 29.70
N LEU A 163 3.09 -44.98 28.91
CA LEU A 163 1.65 -44.73 29.22
C LEU A 163 0.87 -46.05 29.25
N GLN A 164 1.30 -47.06 28.50
CA GLN A 164 0.64 -48.39 28.43
C GLN A 164 0.75 -49.12 29.79
N ASP A 165 1.91 -49.07 30.44
CA ASP A 165 2.08 -49.76 31.76
C ASP A 165 1.06 -49.19 32.74
N ALA A 166 0.81 -47.87 32.72
CA ALA A 166 -0.19 -47.19 33.55
C ALA A 166 -1.63 -47.67 33.24
N ILE A 167 -1.96 -47.79 31.95
CA ILE A 167 -3.32 -48.15 31.48
C ILE A 167 -3.58 -49.63 31.84
N ASN A 168 -2.58 -50.50 31.66
CA ASN A 168 -2.68 -51.97 31.85
C ASN A 168 -2.53 -52.36 33.34
N HIS A 169 -2.16 -51.44 34.24
CA HIS A 169 -2.02 -51.73 35.70
C HIS A 169 -3.37 -51.61 36.42
N PRO A 170 -3.98 -52.75 36.85
CA PRO A 170 -5.36 -52.79 37.34
C PRO A 170 -5.53 -52.03 38.64
N ALA A 171 -6.54 -51.15 38.67
CA ALA A 171 -6.83 -50.27 39.83
C ALA A 171 -7.32 -51.13 41.00
N GLU A 172 -6.60 -51.08 42.14
CA GLU A 172 -6.84 -51.95 43.32
C GLU A 172 -8.18 -51.54 43.96
N ASP A 173 -8.27 -50.36 44.58
CA ASP A 173 -9.55 -49.78 45.10
C ASP A 173 -9.63 -48.30 44.72
N PHE A 174 -10.08 -48.05 43.48
CA PHE A 174 -10.10 -46.69 42.88
C PHE A 174 -11.52 -46.14 42.95
N THR A 175 -11.66 -44.93 43.52
CA THR A 175 -12.94 -44.19 43.55
C THR A 175 -12.70 -42.81 42.91
N ALA A 176 -13.54 -42.42 41.95
CA ALA A 176 -13.43 -41.19 41.13
C ALA A 176 -13.62 -39.94 42.00
N THR A 177 -12.88 -38.87 41.73
CA THR A 177 -13.11 -37.54 42.36
C THR A 177 -13.19 -36.49 41.27
N PRO A 178 -14.23 -36.55 40.39
CA PRO A 178 -14.44 -35.52 39.38
C PRO A 178 -14.62 -34.16 40.05
N SER A 179 -14.15 -33.08 39.45
CA SER A 179 -14.42 -31.71 39.97
C SER A 179 -15.93 -31.58 40.08
N PRO A 180 -16.47 -30.72 40.97
CA PRO A 180 -17.89 -30.35 40.94
C PRO A 180 -18.37 -29.98 39.52
N ALA A 181 -19.62 -30.34 39.20
CA ALA A 181 -20.26 -30.17 37.87
C ALA A 181 -20.30 -28.68 37.46
N ASP A 182 -20.26 -27.75 38.42
CA ASP A 182 -20.31 -26.29 38.12
C ASP A 182 -18.89 -25.70 38.14
N GLU A 183 -17.86 -26.51 38.34
CA GLU A 183 -16.42 -26.11 38.24
C GLU A 183 -15.82 -26.61 36.91
N VAL A 184 -14.60 -26.15 36.63
CA VAL A 184 -13.90 -26.41 35.35
C VAL A 184 -13.69 -27.92 35.22
N ALA A 185 -14.04 -28.49 34.07
CA ALA A 185 -13.75 -29.91 33.74
C ALA A 185 -12.54 -29.94 32.84
N TYR A 186 -12.45 -29.02 31.87
CA TYR A 186 -11.29 -28.93 30.96
C TYR A 186 -11.25 -27.61 30.19
N PHE A 187 -10.15 -27.44 29.46
CA PHE A 187 -9.77 -26.24 28.67
C PHE A 187 -9.85 -26.55 27.16
N GLN A 188 -10.68 -25.80 26.43
CA GLN A 188 -10.73 -25.82 24.95
C GLN A 188 -9.79 -24.72 24.46
N LEU A 189 -9.18 -24.92 23.29
CA LEU A 189 -8.35 -23.91 22.57
C LEU A 189 -9.22 -23.03 21.65
N SER A 190 -9.02 -21.71 21.70
CA SER A 190 -9.63 -20.73 20.76
C SER A 190 -8.92 -20.90 19.39
N GLY A 191 -9.61 -20.49 18.32
CA GLY A 191 -9.00 -20.35 16.99
C GLY A 191 -7.84 -19.41 17.10
N GLY A 192 -8.08 -18.29 17.79
CA GLY A 192 -7.02 -17.31 18.09
C GLY A 192 -7.23 -16.04 17.29
N THR A 193 -7.15 -14.91 17.98
CA THR A 193 -7.31 -13.53 17.45
C THR A 193 -6.13 -12.67 17.91
N THR A 194 -5.14 -13.25 18.60
CA THR A 194 -4.10 -12.49 19.36
C THR A 194 -2.78 -13.25 19.31
N GLY A 195 -1.68 -12.60 19.71
CA GLY A 195 -0.32 -13.15 19.68
C GLY A 195 -0.15 -14.34 20.60
N THR A 196 -0.85 -14.37 21.74
CA THR A 196 -0.77 -15.52 22.67
C THR A 196 -2.10 -16.27 22.66
N PRO A 197 -2.06 -17.61 22.68
CA PRO A 197 -3.27 -18.43 22.76
C PRO A 197 -4.15 -18.13 23.99
N LYS A 198 -5.46 -18.20 23.81
CA LYS A 198 -6.47 -18.02 24.89
C LYS A 198 -7.15 -19.37 25.13
N LEU A 199 -7.24 -19.79 26.40
CA LEU A 199 -7.89 -21.08 26.77
C LEU A 199 -9.32 -20.79 27.20
N ILE A 200 -10.21 -21.74 26.93
CA ILE A 200 -11.65 -21.62 27.22
C ILE A 200 -12.03 -22.62 28.32
N PRO A 201 -12.25 -22.15 29.56
CA PRO A 201 -12.70 -23.05 30.63
C PRO A 201 -14.11 -23.59 30.31
N ARG A 202 -14.24 -24.91 30.36
CA ARG A 202 -15.52 -25.62 30.16
C ARG A 202 -15.84 -26.35 31.46
N THR A 203 -16.96 -25.99 32.11
CA THR A 203 -17.52 -26.74 33.27
C THR A 203 -18.20 -28.01 32.75
N HIS A 204 -18.42 -28.99 33.61
CA HIS A 204 -19.17 -30.25 33.27
C HIS A 204 -20.60 -29.92 32.82
N ASN A 205 -21.32 -29.10 33.58
CA ASN A 205 -22.72 -28.70 33.28
C ASN A 205 -22.78 -28.21 31.83
N ASP A 206 -21.83 -27.37 31.45
CA ASP A 206 -21.91 -26.56 30.22
C ASP A 206 -21.49 -27.47 29.05
N TYR A 207 -20.37 -28.20 29.19
CA TYR A 207 -19.86 -29.09 28.11
C TYR A 207 -20.80 -30.29 27.92
N TYR A 208 -21.28 -30.93 28.99
CA TYR A 208 -22.19 -32.11 28.91
C TYR A 208 -23.46 -31.71 28.15
N TYR A 209 -24.03 -30.54 28.45
CA TYR A 209 -25.26 -30.06 27.78
C TYR A 209 -24.99 -29.97 26.27
N SER A 210 -23.87 -29.36 25.89
CA SER A 210 -23.54 -29.17 24.46
C SER A 210 -23.47 -30.56 23.80
N VAL A 211 -22.83 -31.54 24.44
CA VAL A 211 -22.80 -32.96 23.94
C VAL A 211 -24.21 -33.55 23.90
N ARG A 212 -24.97 -33.51 25.00
CA ARG A 212 -26.29 -34.19 25.14
C ARG A 212 -27.26 -33.63 24.10
N ARG A 213 -27.31 -32.32 23.92
CA ARG A 213 -28.23 -31.67 22.98
C ARG A 213 -27.79 -31.94 21.55
N SER A 214 -26.50 -31.96 21.25
CA SER A 214 -25.99 -32.30 19.89
C SER A 214 -26.41 -33.74 19.55
N VAL A 215 -26.45 -34.63 20.54
CA VAL A 215 -26.89 -36.05 20.37
C VAL A 215 -28.39 -36.10 20.03
N GLU A 216 -29.24 -35.30 20.68
CA GLU A 216 -30.70 -35.25 20.38
C GLU A 216 -30.85 -34.84 18.91
N ILE A 217 -30.21 -33.73 18.50
CA ILE A 217 -30.40 -33.10 17.16
C ILE A 217 -29.90 -34.05 16.06
N CYS A 218 -28.81 -34.79 16.29
CA CYS A 218 -28.17 -35.67 15.27
C CYS A 218 -28.71 -37.09 15.42
N GLN A 219 -29.60 -37.32 16.39
CA GLN A 219 -30.33 -38.60 16.54
C GLN A 219 -29.32 -39.77 16.58
N PHE A 220 -28.19 -39.56 17.27
CA PHE A 220 -27.18 -40.60 17.53
C PHE A 220 -27.81 -41.61 18.49
N THR A 221 -27.50 -42.89 18.28
CA THR A 221 -27.95 -44.02 19.12
C THR A 221 -26.82 -45.05 19.13
N GLN A 222 -27.07 -46.25 19.64
CA GLN A 222 -26.10 -47.37 19.63
C GLN A 222 -25.87 -47.84 18.19
N GLN A 223 -26.65 -47.37 17.19
CA GLN A 223 -26.44 -47.66 15.73
C GLN A 223 -25.35 -46.73 15.16
N THR A 224 -24.94 -45.70 15.89
CA THR A 224 -24.05 -44.66 15.36
C THR A 224 -22.65 -45.28 15.23
N ARG A 225 -22.19 -45.41 13.99
CA ARG A 225 -20.79 -45.76 13.66
C ARG A 225 -20.15 -44.51 13.05
N TYR A 226 -19.38 -43.79 13.86
CA TYR A 226 -18.90 -42.41 13.59
C TYR A 226 -17.43 -42.45 13.23
N LEU A 227 -17.08 -42.09 11.99
CA LEU A 227 -15.66 -41.91 11.55
C LEU A 227 -15.14 -40.59 12.09
N CYS A 228 -14.19 -40.65 13.02
CA CYS A 228 -13.47 -39.48 13.58
C CYS A 228 -12.13 -39.40 12.86
N ALA A 229 -12.07 -38.62 11.79
CA ALA A 229 -10.93 -38.60 10.85
C ALA A 229 -10.20 -37.25 10.92
N ILE A 230 -10.87 -36.18 11.36
CA ILE A 230 -10.20 -34.89 11.63
C ILE A 230 -9.48 -35.02 12.99
N PRO A 231 -8.54 -34.10 13.33
CA PRO A 231 -7.90 -34.12 14.64
C PRO A 231 -8.95 -34.27 15.75
N ALA A 232 -8.86 -35.37 16.50
CA ALA A 232 -9.90 -35.89 17.42
C ALA A 232 -10.04 -34.97 18.64
N ALA A 233 -9.01 -34.18 18.93
CA ALA A 233 -8.95 -33.34 20.16
C ALA A 233 -9.62 -31.99 19.93
N HIS A 234 -9.96 -31.62 18.70
CA HIS A 234 -10.76 -30.40 18.39
C HIS A 234 -12.21 -30.66 18.84
N GLY A 235 -12.93 -29.61 19.24
CA GLY A 235 -14.29 -29.72 19.83
C GLY A 235 -15.35 -30.16 18.83
N TYR A 236 -15.18 -29.85 17.55
CA TYR A 236 -16.09 -30.31 16.46
C TYR A 236 -16.05 -31.84 16.42
N ALA A 237 -14.86 -32.43 16.60
CA ALA A 237 -14.63 -33.90 16.56
C ALA A 237 -14.97 -34.56 17.90
N MET A 238 -15.05 -33.76 18.95
CA MET A 238 -15.09 -34.23 20.35
C MET A 238 -16.52 -34.14 20.92
N SER A 239 -17.33 -33.16 20.51
CA SER A 239 -18.53 -32.72 21.27
C SER A 239 -19.70 -32.18 20.42
N SER A 240 -19.64 -32.22 19.09
CA SER A 240 -20.65 -31.58 18.21
C SER A 240 -21.18 -32.52 17.12
N PRO A 241 -21.77 -33.69 17.46
CA PRO A 241 -21.73 -34.28 18.80
C PRO A 241 -20.41 -34.99 19.11
N GLY A 242 -19.66 -35.36 18.05
CA GLY A 242 -18.29 -35.90 18.15
C GLY A 242 -18.20 -37.22 18.90
N SER A 243 -17.01 -37.58 19.38
CA SER A 243 -16.69 -38.86 20.05
C SER A 243 -17.48 -39.03 21.36
N LEU A 244 -17.56 -37.97 22.15
CA LEU A 244 -18.31 -37.98 23.44
C LEU A 244 -19.79 -38.22 23.15
N GLY A 245 -20.33 -37.61 22.10
CA GLY A 245 -21.75 -37.81 21.74
C GLY A 245 -22.02 -39.26 21.33
N VAL A 246 -21.07 -39.86 20.64
CA VAL A 246 -21.10 -41.31 20.28
C VAL A 246 -21.07 -42.14 21.56
N PHE A 247 -20.13 -41.89 22.46
CA PHE A 247 -20.03 -42.62 23.75
C PHE A 247 -21.35 -42.49 24.50
N LEU A 248 -21.90 -41.27 24.53
CA LEU A 248 -23.10 -40.97 25.35
C LEU A 248 -24.18 -41.95 24.92
N ALA A 249 -24.29 -42.08 23.60
CA ALA A 249 -25.32 -42.82 22.84
C ALA A 249 -24.97 -44.31 22.77
N GLY A 250 -23.79 -44.72 23.22
CA GLY A 250 -23.35 -46.14 23.19
C GLY A 250 -23.02 -46.62 21.77
N GLY A 251 -22.71 -45.72 20.84
CA GLY A 251 -22.29 -46.07 19.46
C GLY A 251 -20.82 -46.49 19.38
N THR A 252 -20.26 -46.43 18.19
CA THR A 252 -18.84 -46.82 17.96
C THR A 252 -18.13 -45.68 17.25
N VAL A 253 -16.94 -45.34 17.72
CA VAL A 253 -16.06 -44.31 17.11
C VAL A 253 -14.98 -45.05 16.33
N VAL A 254 -14.85 -44.75 15.06
CA VAL A 254 -13.81 -45.34 14.17
C VAL A 254 -12.80 -44.22 13.93
N LEU A 255 -11.57 -44.39 14.45
CA LEU A 255 -10.47 -43.38 14.32
C LEU A 255 -9.74 -43.59 12.99
N ALA A 256 -9.25 -42.51 12.42
CA ALA A 256 -8.47 -42.46 11.17
C ALA A 256 -7.41 -41.35 11.33
N ALA A 257 -6.18 -41.61 10.89
CA ALA A 257 -5.03 -40.70 11.08
C ALA A 257 -5.35 -39.35 10.45
N ASP A 258 -6.06 -39.34 9.32
CA ASP A 258 -6.42 -38.09 8.57
C ASP A 258 -7.67 -38.33 7.71
N PRO A 259 -8.29 -37.24 7.18
CA PRO A 259 -9.48 -37.38 6.35
C PRO A 259 -9.24 -37.59 4.85
N SER A 260 -8.17 -38.28 4.46
CA SER A 260 -7.90 -38.61 3.03
C SER A 260 -8.87 -39.74 2.59
N ALA A 261 -9.36 -39.68 1.36
CA ALA A 261 -10.20 -40.72 0.73
C ALA A 261 -9.46 -42.06 0.78
N THR A 262 -8.14 -42.07 0.53
CA THR A 262 -7.32 -43.32 0.49
C THR A 262 -7.55 -44.14 1.77
N LEU A 263 -7.64 -43.46 2.89
CA LEU A 263 -7.73 -44.07 4.23
C LEU A 263 -9.20 -44.29 4.65
N CYS A 264 -10.05 -43.30 4.37
CA CYS A 264 -11.43 -43.18 4.92
C CYS A 264 -12.45 -43.98 4.12
N PHE A 265 -12.30 -44.09 2.81
CA PHE A 265 -13.18 -44.87 1.92
C PHE A 265 -13.14 -46.33 2.38
N PRO A 266 -11.96 -47.00 2.45
CA PRO A 266 -11.86 -48.36 2.99
C PRO A 266 -12.47 -48.50 4.39
N LEU A 267 -12.24 -47.51 5.27
CA LEU A 267 -12.72 -47.59 6.67
C LEU A 267 -14.24 -47.48 6.72
N ILE A 268 -14.85 -46.71 5.82
CA ILE A 268 -16.33 -46.48 5.87
C ILE A 268 -17.04 -47.79 5.46
N GLU A 269 -16.56 -48.45 4.41
CA GLU A 269 -17.14 -49.70 3.83
C GLU A 269 -16.95 -50.82 4.84
N LYS A 270 -15.72 -50.99 5.33
CA LYS A 270 -15.29 -52.05 6.29
C LYS A 270 -16.11 -52.00 7.58
N HIS A 271 -16.27 -50.83 8.20
CA HIS A 271 -16.91 -50.68 9.54
C HIS A 271 -18.36 -50.24 9.39
N GLN A 272 -18.86 -50.05 8.16
CA GLN A 272 -20.27 -49.63 7.87
C GLN A 272 -20.52 -48.29 8.57
N VAL A 273 -19.58 -47.36 8.48
CA VAL A 273 -19.71 -45.99 9.05
C VAL A 273 -20.96 -45.32 8.47
N ASN A 274 -21.74 -44.65 9.34
CA ASN A 274 -23.02 -44.03 8.92
C ASN A 274 -22.99 -42.54 9.19
N VAL A 275 -22.02 -42.03 9.96
CA VAL A 275 -21.85 -40.56 10.07
C VAL A 275 -20.36 -40.23 10.21
N THR A 276 -19.96 -39.10 9.64
CA THR A 276 -18.61 -38.52 9.85
C THR A 276 -18.71 -36.98 9.77
N ALA A 277 -17.60 -36.35 10.13
CA ALA A 277 -17.44 -34.89 10.20
C ALA A 277 -16.24 -34.50 9.35
N LEU A 278 -16.47 -33.58 8.42
CA LEU A 278 -15.39 -33.04 7.56
C LEU A 278 -15.40 -31.51 7.59
N VAL A 279 -14.34 -30.95 7.01
CA VAL A 279 -14.18 -29.51 6.68
C VAL A 279 -14.34 -29.42 5.16
N PRO A 280 -14.70 -28.25 4.59
CA PRO A 280 -14.98 -28.15 3.16
C PRO A 280 -13.95 -28.80 2.23
N PRO A 281 -12.62 -28.53 2.35
CA PRO A 281 -11.66 -29.05 1.37
C PRO A 281 -11.62 -30.58 1.31
N ALA A 282 -11.77 -31.26 2.45
CA ALA A 282 -11.90 -32.75 2.55
C ALA A 282 -13.12 -33.21 1.75
N VAL A 283 -14.22 -32.47 1.81
CA VAL A 283 -15.45 -32.79 1.03
C VAL A 283 -15.13 -32.66 -0.46
N SER A 284 -14.48 -31.56 -0.84
CA SER A 284 -13.95 -31.35 -2.22
C SER A 284 -13.13 -32.58 -2.66
N LEU A 285 -12.14 -32.97 -1.87
CA LEU A 285 -11.17 -34.04 -2.24
C LEU A 285 -11.87 -35.38 -2.35
N TRP A 286 -12.89 -35.64 -1.52
CA TRP A 286 -13.70 -36.89 -1.56
C TRP A 286 -14.50 -36.93 -2.86
N LEU A 287 -15.19 -35.85 -3.19
CA LEU A 287 -16.01 -35.76 -4.42
C LEU A 287 -15.10 -35.97 -5.63
N GLN A 288 -13.92 -35.37 -5.62
CA GLN A 288 -12.93 -35.51 -6.74
C GLN A 288 -12.44 -36.96 -6.80
N ALA A 289 -12.18 -37.58 -5.65
CA ALA A 289 -11.79 -39.01 -5.60
C ALA A 289 -12.84 -39.83 -6.37
N LEU A 290 -14.13 -39.60 -6.13
CA LEU A 290 -15.23 -40.40 -6.77
C LEU A 290 -15.22 -40.17 -8.28
N ILE A 291 -15.00 -38.93 -8.70
CA ILE A 291 -14.87 -38.55 -10.13
C ILE A 291 -13.64 -39.22 -10.75
N GLU A 292 -12.54 -39.37 -9.99
CA GLU A 292 -11.29 -40.03 -10.49
C GLU A 292 -11.42 -41.56 -10.41
N GLY A 293 -12.63 -42.07 -10.10
CA GLY A 293 -13.03 -43.47 -10.31
C GLY A 293 -13.23 -44.27 -9.02
N GLU A 294 -13.15 -43.68 -7.83
CA GLU A 294 -13.45 -44.44 -6.59
C GLU A 294 -14.92 -44.89 -6.67
N SER A 295 -15.19 -46.11 -6.20
CA SER A 295 -16.55 -46.71 -6.18
C SER A 295 -17.41 -45.96 -5.15
N ARG A 296 -18.49 -45.34 -5.61
CA ARG A 296 -19.57 -44.71 -4.80
C ARG A 296 -20.07 -45.70 -3.71
N ALA A 297 -20.08 -47.00 -3.99
CA ALA A 297 -20.71 -48.05 -3.14
C ALA A 297 -19.95 -48.20 -1.82
N GLN A 298 -18.68 -47.76 -1.77
CA GLN A 298 -17.84 -47.77 -0.54
C GLN A 298 -18.46 -46.90 0.56
N LEU A 299 -19.29 -45.92 0.16
CA LEU A 299 -19.91 -44.88 1.06
C LEU A 299 -21.43 -45.15 1.20
N ALA A 300 -21.93 -46.32 0.78
CA ALA A 300 -23.37 -46.67 0.83
C ALA A 300 -23.90 -46.51 2.28
N SER A 301 -23.18 -47.04 3.27
CA SER A 301 -23.59 -47.02 4.70
C SER A 301 -23.71 -45.58 5.23
N LEU A 302 -23.04 -44.63 4.59
CA LEU A 302 -23.02 -43.20 5.01
C LEU A 302 -24.44 -42.62 4.94
N LYS A 303 -24.97 -42.18 6.09
CA LYS A 303 -26.33 -41.61 6.23
C LYS A 303 -26.24 -40.09 6.51
N LEU A 304 -25.22 -39.62 7.24
CA LEU A 304 -25.06 -38.17 7.53
C LEU A 304 -23.59 -37.74 7.39
N LEU A 305 -23.34 -36.71 6.58
CA LEU A 305 -22.03 -36.01 6.50
C LEU A 305 -22.15 -34.61 7.14
N GLN A 306 -21.49 -34.38 8.29
CA GLN A 306 -21.40 -33.04 8.89
C GLN A 306 -20.29 -32.26 8.19
N VAL A 307 -20.53 -30.98 7.85
CA VAL A 307 -19.49 -30.07 7.33
C VAL A 307 -19.51 -28.77 8.15
N GLY A 308 -18.34 -28.36 8.66
CA GLY A 308 -18.15 -27.18 9.50
C GLY A 308 -16.70 -26.72 9.57
N GLY A 309 -16.47 -25.68 10.38
CA GLY A 309 -15.15 -25.06 10.56
C GLY A 309 -14.95 -23.88 9.62
N ALA A 310 -15.57 -23.92 8.45
CA ALA A 310 -15.53 -22.87 7.41
C ALA A 310 -16.77 -23.07 6.55
N ARG A 311 -17.18 -22.00 5.86
CA ARG A 311 -18.42 -21.96 5.03
C ARG A 311 -18.28 -22.98 3.88
N LEU A 312 -19.29 -23.84 3.74
CA LEU A 312 -19.46 -24.74 2.59
C LEU A 312 -20.17 -23.95 1.48
N SER A 313 -19.58 -23.87 0.29
CA SER A 313 -20.21 -23.25 -0.90
C SER A 313 -21.48 -24.06 -1.23
N ALA A 314 -22.58 -23.35 -1.54
CA ALA A 314 -23.88 -23.93 -2.00
C ALA A 314 -23.62 -24.96 -3.11
N THR A 315 -22.67 -24.67 -4.00
CA THR A 315 -22.29 -25.54 -5.15
C THR A 315 -21.83 -26.89 -4.59
N LEU A 316 -20.90 -26.85 -3.64
CA LEU A 316 -20.28 -28.05 -3.04
C LEU A 316 -21.35 -28.80 -2.22
N ALA A 317 -22.18 -28.06 -1.47
CA ALA A 317 -23.25 -28.59 -0.58
C ALA A 317 -24.22 -29.46 -1.39
N ALA A 318 -24.64 -28.98 -2.56
CA ALA A 318 -25.70 -29.60 -3.39
C ALA A 318 -25.21 -30.94 -3.94
N ARG A 319 -23.88 -31.06 -4.13
CA ARG A 319 -23.23 -32.24 -4.77
C ARG A 319 -23.19 -33.42 -3.80
N ILE A 320 -23.30 -33.17 -2.49
CA ILE A 320 -23.18 -34.22 -1.45
C ILE A 320 -24.32 -35.22 -1.63
N PRO A 321 -25.62 -34.82 -1.60
CA PRO A 321 -26.71 -35.78 -1.82
C PRO A 321 -26.63 -36.44 -3.20
N ALA A 322 -26.33 -35.70 -4.27
CA ALA A 322 -26.23 -36.23 -5.66
C ALA A 322 -25.09 -37.25 -5.79
N GLU A 323 -23.85 -36.84 -5.52
CA GLU A 323 -22.62 -37.62 -5.83
C GLU A 323 -22.27 -38.61 -4.69
N ILE A 324 -22.60 -38.32 -3.42
CA ILE A 324 -22.33 -39.25 -2.28
C ILE A 324 -23.62 -39.97 -1.83
N GLY A 325 -24.79 -39.34 -1.84
CA GLY A 325 -26.07 -40.03 -1.55
C GLY A 325 -26.36 -40.20 -0.05
N CYS A 326 -25.88 -39.27 0.77
CA CYS A 326 -26.27 -39.07 2.19
C CYS A 326 -26.80 -37.64 2.44
N GLN A 327 -27.40 -37.44 3.60
CA GLN A 327 -27.86 -36.12 4.09
C GLN A 327 -26.62 -35.29 4.46
N LEU A 328 -26.68 -33.98 4.19
CA LEU A 328 -25.70 -32.97 4.67
C LEU A 328 -26.18 -32.33 5.99
N GLN A 329 -25.26 -32.05 6.91
CA GLN A 329 -25.50 -31.14 8.06
C GLN A 329 -24.40 -30.07 8.08
N GLN A 330 -24.79 -28.80 7.90
CA GLN A 330 -23.88 -27.67 8.10
C GLN A 330 -23.75 -27.47 9.62
N VAL A 331 -22.50 -27.33 10.08
CA VAL A 331 -22.16 -27.10 11.50
C VAL A 331 -21.35 -25.82 11.57
N PHE A 332 -21.94 -24.73 12.07
CA PHE A 332 -21.24 -23.45 12.36
C PHE A 332 -21.13 -23.30 13.87
N GLY A 333 -20.00 -23.77 14.40
CA GLY A 333 -19.68 -23.76 15.84
C GLY A 333 -18.40 -23.02 16.12
N MET A 334 -18.13 -22.82 17.40
CA MET A 334 -16.84 -22.29 17.91
C MET A 334 -16.51 -22.97 19.24
N ALA A 335 -15.22 -23.10 19.57
CA ALA A 335 -14.73 -23.60 20.88
C ALA A 335 -15.30 -22.80 22.07
N GLU A 336 -15.62 -21.51 21.87
CA GLU A 336 -16.12 -20.59 22.94
C GLU A 336 -17.54 -21.00 23.38
N GLY A 337 -18.25 -21.78 22.55
CA GLY A 337 -19.50 -22.46 22.94
C GLY A 337 -20.42 -22.69 21.76
N LEU A 338 -21.21 -21.68 21.41
CA LEU A 338 -22.32 -21.67 20.43
C LEU A 338 -22.02 -22.57 19.25
N VAL A 339 -22.96 -23.45 18.94
CA VAL A 339 -22.93 -24.33 17.75
C VAL A 339 -24.28 -24.21 17.08
N ASN A 340 -24.26 -23.77 15.83
CA ASN A 340 -25.43 -23.76 14.92
C ASN A 340 -25.40 -25.07 14.14
N TYR A 341 -26.57 -25.67 13.93
CA TYR A 341 -26.78 -26.90 13.15
C TYR A 341 -27.93 -26.70 12.17
N THR A 342 -27.84 -27.27 10.97
CA THR A 342 -29.03 -27.53 10.11
C THR A 342 -29.67 -28.77 10.70
N ARG A 343 -31.00 -28.90 10.63
CA ARG A 343 -31.71 -30.05 11.25
C ARG A 343 -31.84 -31.15 10.20
N LEU A 344 -31.95 -32.39 10.65
CA LEU A 344 -32.15 -33.59 9.79
C LEU A 344 -33.46 -33.49 9.01
N ASP A 345 -34.41 -32.64 9.41
CA ASP A 345 -35.73 -32.50 8.73
C ASP A 345 -35.85 -31.12 8.08
N ASP A 346 -34.75 -30.38 7.96
CA ASP A 346 -34.75 -29.04 7.30
C ASP A 346 -34.99 -29.26 5.79
N SER A 347 -35.59 -28.27 5.11
CA SER A 347 -35.68 -28.20 3.63
C SER A 347 -34.26 -28.24 3.03
N ALA A 348 -34.13 -28.75 1.80
CA ALA A 348 -32.88 -28.69 1.01
C ALA A 348 -32.42 -27.23 0.94
N GLU A 349 -33.36 -26.29 0.89
CA GLU A 349 -33.04 -24.86 0.75
C GLU A 349 -32.15 -24.43 1.93
N LYS A 350 -32.54 -24.77 3.17
CA LYS A 350 -31.82 -24.32 4.39
C LYS A 350 -30.48 -25.05 4.58
N ILE A 351 -30.39 -26.35 4.21
CA ILE A 351 -29.18 -27.19 4.39
C ILE A 351 -28.08 -26.74 3.42
N ILE A 352 -28.47 -26.32 2.20
CA ILE A 352 -27.52 -26.01 1.10
C ILE A 352 -26.99 -24.59 1.26
N HIS A 353 -27.83 -23.67 1.74
CA HIS A 353 -27.61 -22.21 1.60
C HIS A 353 -27.28 -21.53 2.93
N THR A 354 -27.55 -22.17 4.07
CA THR A 354 -27.37 -21.56 5.42
C THR A 354 -26.51 -22.44 6.34
N GLN A 355 -26.07 -21.86 7.45
CA GLN A 355 -25.33 -22.60 8.49
C GLN A 355 -26.27 -22.90 9.68
N GLY A 356 -27.57 -23.08 9.42
CA GLY A 356 -28.56 -23.53 10.42
C GLY A 356 -28.84 -22.48 11.48
N TYR A 357 -29.16 -22.92 12.70
CA TYR A 357 -29.48 -22.03 13.87
C TYR A 357 -29.01 -22.70 15.17
N PRO A 358 -29.00 -21.95 16.30
CA PRO A 358 -28.52 -22.49 17.58
C PRO A 358 -29.16 -23.79 18.08
N MET A 359 -28.33 -24.65 18.69
CA MET A 359 -28.75 -25.96 19.23
C MET A 359 -29.69 -25.73 20.41
N CYS A 360 -29.56 -24.59 21.10
CA CYS A 360 -30.36 -24.31 22.32
C CYS A 360 -31.39 -23.23 22.02
N PRO A 361 -32.65 -23.41 22.51
CA PRO A 361 -33.69 -22.38 22.44
C PRO A 361 -33.27 -21.12 23.20
N ASP A 362 -32.49 -21.30 24.26
CA ASP A 362 -32.00 -20.21 25.15
C ASP A 362 -30.58 -19.77 24.79
N ASP A 363 -30.05 -20.25 23.67
CA ASP A 363 -28.92 -19.57 22.96
C ASP A 363 -29.47 -18.24 22.45
N GLU A 364 -28.81 -17.15 22.78
CA GLU A 364 -29.24 -15.77 22.44
C GLU A 364 -28.24 -15.23 21.42
N VAL A 365 -28.75 -14.80 20.27
CA VAL A 365 -27.96 -14.44 19.07
C VAL A 365 -28.56 -13.18 18.46
N TRP A 366 -27.83 -12.09 18.48
CA TRP A 366 -28.24 -10.86 17.77
C TRP A 366 -27.06 -10.37 16.93
N VAL A 367 -27.35 -9.48 16.00
CA VAL A 367 -26.36 -8.96 15.00
C VAL A 367 -26.14 -7.47 15.29
N ALA A 368 -24.89 -7.05 15.47
CA ALA A 368 -24.52 -5.70 15.94
C ALA A 368 -23.84 -4.92 14.81
N ASP A 369 -24.09 -3.61 14.74
CA ASP A 369 -23.34 -2.66 13.89
C ASP A 369 -21.99 -2.35 14.58
N ALA A 370 -21.16 -1.53 13.93
CA ALA A 370 -19.79 -1.21 14.37
C ALA A 370 -19.79 -0.68 15.82
N GLU A 371 -20.83 0.04 16.23
CA GLU A 371 -20.86 0.76 17.54
C GLU A 371 -21.49 -0.11 18.65
N GLY A 372 -22.32 -1.10 18.30
CA GLY A 372 -22.87 -2.05 19.29
C GLY A 372 -24.39 -2.08 19.33
N ASN A 373 -25.10 -1.56 18.33
CA ASN A 373 -26.59 -1.53 18.31
C ASN A 373 -27.14 -2.75 17.56
N PRO A 374 -28.28 -3.34 18.01
CA PRO A 374 -28.93 -4.40 17.24
C PRO A 374 -29.27 -3.94 15.82
N LEU A 375 -28.98 -4.76 14.82
CA LEU A 375 -29.40 -4.52 13.42
C LEU A 375 -30.66 -5.36 13.16
N PRO A 376 -31.67 -4.83 12.45
CA PRO A 376 -32.87 -5.61 12.14
C PRO A 376 -32.55 -6.87 11.31
N GLN A 377 -33.50 -7.81 11.18
CA GLN A 377 -33.20 -9.13 10.56
C GLN A 377 -32.84 -8.88 9.10
N GLY A 378 -31.99 -9.72 8.53
CA GLY A 378 -31.55 -9.59 7.13
C GLY A 378 -30.31 -8.72 6.95
N GLU A 379 -29.94 -7.89 7.94
CA GLU A 379 -28.72 -7.05 7.89
C GLU A 379 -27.46 -7.86 8.23
N VAL A 380 -26.31 -7.42 7.72
CA VAL A 380 -24.98 -8.06 7.91
C VAL A 380 -24.26 -7.35 9.05
N GLY A 381 -23.90 -8.09 10.10
CA GLY A 381 -23.20 -7.52 11.27
C GLY A 381 -22.46 -8.57 12.10
N ARG A 382 -21.96 -8.11 13.24
CA ARG A 382 -21.16 -8.89 14.20
C ARG A 382 -22.05 -9.84 14.98
N LEU A 383 -21.64 -11.09 15.08
CA LEU A 383 -22.33 -12.14 15.87
C LEU A 383 -22.09 -11.87 17.37
N MET A 384 -23.18 -11.63 18.11
CA MET A 384 -23.20 -11.43 19.58
C MET A 384 -24.05 -12.56 20.17
N THR A 385 -23.48 -13.37 21.07
CA THR A 385 -24.15 -14.58 21.62
C THR A 385 -23.83 -14.75 23.10
N ARG A 386 -24.78 -15.36 23.83
CA ARG A 386 -24.56 -16.00 25.15
C ARG A 386 -25.64 -17.09 25.36
N GLY A 387 -25.33 -18.10 26.16
CA GLY A 387 -26.21 -19.25 26.39
C GLY A 387 -25.66 -20.19 27.43
N PRO A 388 -26.36 -21.31 27.69
CA PRO A 388 -25.96 -22.27 28.70
C PRO A 388 -24.70 -23.11 28.44
N TYR A 389 -24.12 -23.10 27.24
CA TYR A 389 -22.82 -23.80 26.99
C TYR A 389 -21.80 -22.80 26.41
N THR A 390 -22.05 -21.49 26.52
CA THR A 390 -21.13 -20.45 25.98
C THR A 390 -20.43 -19.73 27.14
N PHE A 391 -19.10 -19.70 27.13
CA PHE A 391 -18.26 -19.24 28.26
C PHE A 391 -18.51 -17.76 28.56
N ARG A 392 -17.95 -17.31 29.69
CA ARG A 392 -18.09 -15.91 30.19
C ARG A 392 -16.70 -15.28 30.31
N GLY A 393 -15.64 -16.02 29.99
CA GLY A 393 -14.28 -15.47 29.97
C GLY A 393 -13.25 -16.51 29.64
N TYR A 394 -12.17 -16.09 28.99
CA TYR A 394 -10.95 -16.88 28.76
C TYR A 394 -10.19 -16.99 30.10
N TYR A 395 -9.39 -18.03 30.26
CA TYR A 395 -8.60 -18.35 31.48
C TYR A 395 -7.55 -17.27 31.73
N LYS A 396 -7.60 -16.64 32.90
CA LYS A 396 -6.57 -15.67 33.36
C LYS A 396 -6.28 -14.63 32.27
N SER A 397 -7.32 -13.97 31.72
CA SER A 397 -7.17 -13.01 30.59
C SER A 397 -8.06 -11.79 30.79
N PRO A 398 -7.89 -11.07 31.93
CA PRO A 398 -8.68 -9.88 32.25
C PRO A 398 -8.60 -8.79 31.17
N GLN A 399 -7.39 -8.56 30.67
CA GLN A 399 -7.11 -7.58 29.58
C GLN A 399 -8.05 -7.92 28.41
N HIS A 400 -7.94 -9.14 27.86
CA HIS A 400 -8.62 -9.58 26.61
C HIS A 400 -10.13 -9.75 26.87
N ASN A 401 -10.50 -10.27 28.04
CA ASN A 401 -11.92 -10.50 28.46
C ASN A 401 -12.69 -9.18 28.48
N ALA A 402 -12.03 -8.09 28.84
CA ALA A 402 -12.62 -6.73 28.86
C ALA A 402 -13.15 -6.39 27.46
N SER A 403 -12.37 -6.76 26.43
CA SER A 403 -12.62 -6.50 24.98
C SER A 403 -13.56 -7.54 24.36
N ALA A 404 -13.52 -8.80 24.80
CA ALA A 404 -14.21 -9.90 24.11
C ALA A 404 -15.71 -9.95 24.48
N PHE A 405 -16.14 -9.27 25.55
CA PHE A 405 -17.54 -9.33 26.06
C PHE A 405 -18.09 -7.92 26.28
N ASP A 406 -19.34 -7.68 25.87
CA ASP A 406 -20.07 -6.41 26.17
C ASP A 406 -20.52 -6.43 27.64
N ALA A 407 -21.16 -5.34 28.07
CA ALA A 407 -21.52 -5.06 29.49
C ALA A 407 -22.45 -6.15 30.03
N ASN A 408 -23.30 -6.73 29.17
CA ASN A 408 -24.29 -7.79 29.53
C ASN A 408 -23.74 -9.22 29.37
N GLY A 409 -22.44 -9.41 29.10
CA GLY A 409 -21.83 -10.75 29.07
C GLY A 409 -22.07 -11.48 27.74
N PHE A 410 -22.51 -10.76 26.71
CA PHE A 410 -22.58 -11.25 25.31
C PHE A 410 -21.15 -11.33 24.78
N TYR A 411 -20.83 -12.45 24.13
CA TYR A 411 -19.52 -12.69 23.49
C TYR A 411 -19.62 -12.32 22.00
N CYS A 412 -18.64 -11.56 21.51
CA CYS A 412 -18.51 -11.26 20.06
C CYS A 412 -17.58 -12.31 19.41
N SER A 413 -18.09 -13.11 18.48
CA SER A 413 -17.36 -14.22 17.83
C SER A 413 -16.31 -13.69 16.86
N GLY A 414 -16.39 -12.41 16.49
CA GLY A 414 -15.53 -11.77 15.49
C GLY A 414 -16.00 -12.10 14.09
N ASP A 415 -17.18 -12.73 14.00
CA ASP A 415 -17.79 -13.24 12.74
C ASP A 415 -18.85 -12.25 12.28
N LEU A 416 -18.93 -11.98 10.97
CA LEU A 416 -20.06 -11.23 10.39
C LEU A 416 -21.11 -12.23 9.90
N ILE A 417 -22.38 -12.03 10.29
CA ILE A 417 -23.50 -12.89 9.84
C ILE A 417 -24.70 -12.03 9.43
N SER A 418 -25.66 -12.68 8.76
CA SER A 418 -27.05 -12.24 8.57
C SER A 418 -27.96 -13.35 9.10
N ILE A 419 -29.21 -13.01 9.41
CA ILE A 419 -30.27 -13.97 9.81
C ILE A 419 -31.43 -13.85 8.81
N ASP A 420 -31.90 -14.98 8.29
CA ASP A 420 -33.15 -15.17 7.53
C ASP A 420 -34.36 -14.64 8.30
N PRO A 421 -35.48 -14.32 7.60
CA PRO A 421 -36.80 -14.22 8.24
C PRO A 421 -37.20 -15.48 9.02
N GLU A 422 -36.68 -16.64 8.62
CA GLU A 422 -37.00 -17.96 9.22
C GLU A 422 -36.09 -18.21 10.43
N GLY A 423 -35.08 -17.37 10.68
CA GLY A 423 -34.25 -17.41 11.91
C GLY A 423 -32.94 -18.19 11.73
N TYR A 424 -32.55 -18.47 10.50
CA TYR A 424 -31.32 -19.22 10.12
C TYR A 424 -30.17 -18.24 9.83
N ILE A 425 -28.97 -18.63 10.29
CA ILE A 425 -27.72 -17.82 10.22
C ILE A 425 -27.01 -18.19 8.93
N THR A 426 -26.50 -17.16 8.24
CA THR A 426 -25.56 -17.30 7.10
C THR A 426 -24.31 -16.53 7.46
N VAL A 427 -23.14 -17.16 7.34
CA VAL A 427 -21.81 -16.53 7.61
C VAL A 427 -21.39 -15.73 6.37
N GLN A 428 -21.20 -14.42 6.54
CA GLN A 428 -20.98 -13.46 5.42
C GLN A 428 -19.52 -13.01 5.40
N GLY A 429 -18.83 -13.02 6.53
CA GLY A 429 -17.46 -12.52 6.60
C GLY A 429 -16.89 -12.60 8.00
N ARG A 430 -15.82 -11.83 8.23
CA ARG A 430 -15.00 -11.98 9.43
C ARG A 430 -14.37 -10.64 9.78
N GLU A 431 -14.40 -10.26 11.06
CA GLU A 431 -13.71 -9.06 11.57
C GLU A 431 -12.42 -9.48 12.29
N LYS A 432 -12.41 -10.63 12.97
CA LYS A 432 -11.25 -11.03 13.81
C LYS A 432 -10.03 -11.30 12.91
N ASP A 433 -8.84 -10.91 13.38
CA ASP A 433 -7.57 -10.98 12.60
C ASP A 433 -7.15 -12.46 12.57
N GLN A 434 -7.93 -13.29 11.88
CA GLN A 434 -7.79 -14.76 11.86
C GLN A 434 -7.90 -15.27 10.42
N ILE A 435 -6.96 -16.10 9.99
CA ILE A 435 -7.05 -16.82 8.70
C ILE A 435 -7.65 -18.22 8.96
N ASN A 436 -8.74 -18.54 8.26
CA ASN A 436 -9.42 -19.86 8.25
C ASN A 436 -8.88 -20.67 7.06
N ARG A 437 -7.77 -21.37 7.26
CA ARG A 437 -7.12 -22.20 6.23
C ARG A 437 -7.76 -23.60 6.25
N GLY A 438 -8.81 -23.80 5.46
CA GLY A 438 -9.48 -25.10 5.30
C GLY A 438 -10.21 -25.57 6.55
N GLY A 439 -10.53 -24.65 7.48
CA GLY A 439 -11.15 -24.96 8.78
C GLY A 439 -10.17 -24.81 9.93
N GLU A 440 -8.87 -24.85 9.63
CA GLU A 440 -7.79 -24.70 10.64
C GLU A 440 -7.52 -23.20 10.80
N LYS A 441 -7.39 -22.74 12.05
CA LYS A 441 -7.41 -21.31 12.45
C LYS A 441 -5.98 -20.83 12.75
N ILE A 442 -5.62 -19.68 12.19
CA ILE A 442 -4.31 -19.03 12.36
C ILE A 442 -4.57 -17.63 12.90
N ALA A 443 -4.13 -17.37 14.12
CA ALA A 443 -4.05 -16.00 14.67
C ALA A 443 -2.93 -15.26 13.94
N ALA A 444 -3.30 -14.30 13.09
CA ALA A 444 -2.38 -13.55 12.20
C ALA A 444 -1.28 -12.84 13.02
N GLU A 445 -1.65 -12.27 14.18
CA GLU A 445 -0.73 -11.50 15.06
C GLU A 445 0.37 -12.43 15.57
N GLU A 446 0.01 -13.67 15.91
CA GLU A 446 0.97 -14.71 16.36
C GLU A 446 2.09 -14.89 15.32
N ILE A 447 1.73 -15.01 14.05
CA ILE A 447 2.71 -15.32 12.95
C ILE A 447 3.51 -14.05 12.63
N GLU A 448 2.85 -12.90 12.67
CA GLU A 448 3.48 -11.57 12.50
C GLU A 448 4.57 -11.36 13.55
N ASN A 449 4.26 -11.65 14.81
CA ASN A 449 5.23 -11.48 15.90
C ASN A 449 6.45 -12.38 15.64
N LEU A 450 6.24 -13.62 15.20
CA LEU A 450 7.36 -14.53 14.85
C LEU A 450 8.13 -13.99 13.65
N LEU A 451 7.45 -13.46 12.64
CA LEU A 451 8.12 -12.92 11.43
C LEU A 451 9.01 -11.73 11.80
N LEU A 452 8.58 -10.83 12.71
CA LEU A 452 9.35 -9.61 13.10
C LEU A 452 10.65 -10.01 13.82
N ARG A 453 10.67 -11.16 14.51
CA ARG A 453 11.88 -11.71 15.17
C ARG A 453 13.00 -11.97 14.15
N HIS A 454 12.72 -12.10 12.85
CA HIS A 454 13.74 -12.37 11.82
C HIS A 454 14.57 -11.10 11.59
N PRO A 455 15.93 -11.19 11.66
CA PRO A 455 16.80 -10.02 11.54
C PRO A 455 16.48 -9.17 10.32
N ALA A 456 16.02 -9.79 9.23
CA ALA A 456 15.79 -9.12 7.92
C ALA A 456 14.45 -8.37 7.91
N VAL A 457 13.50 -8.76 8.76
CA VAL A 457 12.07 -8.33 8.63
C VAL A 457 11.83 -7.07 9.47
N ILE A 458 11.41 -6.00 8.81
CA ILE A 458 11.08 -4.70 9.45
C ILE A 458 9.58 -4.67 9.74
N TYR A 459 8.75 -4.98 8.73
CA TYR A 459 7.27 -5.00 8.83
C TYR A 459 6.73 -6.27 8.19
N ALA A 460 5.73 -6.85 8.86
CA ALA A 460 5.08 -8.13 8.49
C ALA A 460 3.57 -7.97 8.57
N ALA A 461 2.89 -8.37 7.49
CA ALA A 461 1.43 -8.60 7.45
C ALA A 461 1.13 -10.02 6.95
N LEU A 462 0.29 -10.74 7.69
CA LEU A 462 -0.29 -12.04 7.27
C LEU A 462 -1.77 -11.85 6.92
N VAL A 463 -2.18 -12.17 5.70
CA VAL A 463 -3.59 -11.99 5.21
C VAL A 463 -4.04 -13.26 4.49
N SER A 464 -5.35 -13.48 4.41
CA SER A 464 -5.93 -14.59 3.61
C SER A 464 -5.95 -14.18 2.14
N MET A 465 -5.80 -15.16 1.26
CA MET A 465 -6.12 -14.99 -0.17
C MET A 465 -7.07 -16.13 -0.53
N GLU A 466 -8.09 -15.83 -1.37
CA GLU A 466 -9.04 -16.83 -1.93
C GLU A 466 -8.20 -18.02 -2.43
N ASP A 467 -8.60 -19.26 -2.12
CA ASP A 467 -8.05 -20.51 -2.71
C ASP A 467 -9.23 -21.46 -2.93
N GLU A 468 -9.30 -22.12 -4.09
CA GLU A 468 -10.49 -22.91 -4.47
C GLU A 468 -10.64 -24.09 -3.48
N LEU A 469 -9.57 -24.85 -3.24
CA LEU A 469 -9.61 -26.07 -2.37
C LEU A 469 -9.82 -25.66 -0.89
N MET A 470 -8.90 -24.83 -0.40
CA MET A 470 -8.69 -24.59 1.05
C MET A 470 -9.62 -23.48 1.53
N GLY A 471 -10.24 -22.74 0.60
CA GLY A 471 -11.09 -21.57 0.95
C GLY A 471 -10.24 -20.34 1.18
N GLU A 472 -9.25 -20.45 2.06
CA GLU A 472 -8.23 -19.41 2.30
C GLU A 472 -6.84 -20.06 2.41
N LYS A 473 -5.84 -19.47 1.75
CA LYS A 473 -4.40 -19.74 2.01
C LYS A 473 -3.79 -18.48 2.65
N SER A 474 -2.64 -18.66 3.31
CA SER A 474 -1.95 -17.64 4.12
C SER A 474 -0.85 -16.98 3.27
N CYS A 475 -0.81 -15.65 3.29
CA CYS A 475 0.23 -14.88 2.58
C CYS A 475 0.92 -13.92 3.55
N ALA A 476 2.24 -14.04 3.67
CA ALA A 476 3.09 -13.10 4.43
C ALA A 476 3.60 -12.00 3.49
N TYR A 477 3.17 -10.77 3.77
CA TYR A 477 3.69 -9.55 3.10
C TYR A 477 4.77 -8.95 4.01
N LEU A 478 5.98 -8.82 3.48
CA LEU A 478 7.17 -8.53 4.33
C LEU A 478 7.90 -7.32 3.76
N VAL A 479 8.39 -6.47 4.66
CA VAL A 479 9.27 -5.34 4.29
C VAL A 479 10.62 -5.66 4.92
N VAL A 480 11.65 -5.76 4.08
CA VAL A 480 12.91 -6.46 4.43
C VAL A 480 14.13 -5.55 4.19
N LYS A 481 15.19 -5.76 4.97
CA LYS A 481 16.54 -5.13 4.84
C LYS A 481 17.30 -5.68 3.63
N GLU A 482 17.02 -6.93 3.23
CA GLU A 482 17.92 -7.74 2.35
C GLU A 482 17.08 -8.76 1.59
N PRO A 483 17.60 -9.38 0.50
CA PRO A 483 16.90 -10.51 -0.13
C PRO A 483 16.35 -11.53 0.91
N LEU A 484 15.09 -11.94 0.77
CA LEU A 484 14.47 -12.96 1.66
C LEU A 484 13.48 -13.83 0.89
N ARG A 485 13.94 -15.02 0.50
CA ARG A 485 13.13 -16.03 -0.24
C ARG A 485 12.18 -16.71 0.76
N ALA A 486 11.11 -17.31 0.25
CA ALA A 486 10.02 -17.94 1.03
C ALA A 486 10.54 -19.17 1.80
N VAL A 487 11.44 -19.96 1.24
CA VAL A 487 12.06 -21.13 1.95
C VAL A 487 12.81 -20.65 3.19
N GLN A 488 13.28 -19.39 3.21
CA GLN A 488 14.04 -18.82 4.36
C GLN A 488 13.05 -18.52 5.49
N VAL A 489 11.94 -17.85 5.19
CA VAL A 489 10.85 -17.55 6.15
C VAL A 489 10.37 -18.88 6.75
N ARG A 490 10.12 -19.86 5.90
CA ARG A 490 9.54 -21.16 6.34
C ARG A 490 10.58 -21.90 7.21
N ARG A 491 11.85 -21.92 6.82
CA ARG A 491 12.90 -22.58 7.63
C ARG A 491 12.90 -21.95 9.03
N PHE A 492 12.92 -20.62 9.04
CA PHE A 492 12.99 -19.77 10.26
C PHE A 492 11.77 -20.08 11.14
N LEU A 493 10.56 -20.09 10.58
CA LEU A 493 9.33 -20.35 11.38
C LEU A 493 9.37 -21.77 11.95
N ARG A 494 9.85 -22.77 11.20
CA ARG A 494 10.04 -24.17 11.70
C ARG A 494 10.96 -24.17 12.93
N GLU A 495 12.12 -23.50 12.87
CA GLU A 495 13.06 -23.33 14.01
C GLU A 495 12.27 -22.86 15.25
N GLN A 496 11.55 -21.73 15.15
CA GLN A 496 10.68 -21.19 16.23
C GLN A 496 9.73 -22.29 16.74
N GLY A 497 9.24 -23.17 15.86
CA GLY A 497 8.43 -24.32 16.23
C GLY A 497 6.96 -23.96 16.26
N ILE A 498 6.33 -23.94 15.09
CA ILE A 498 4.87 -23.80 14.93
C ILE A 498 4.32 -24.92 14.04
N ALA A 499 3.01 -25.12 14.05
CA ALA A 499 2.29 -26.14 13.28
C ALA A 499 2.48 -25.87 11.78
N GLU A 500 2.48 -26.93 10.97
CA GLU A 500 2.73 -26.81 9.51
C GLU A 500 1.65 -25.90 8.92
N PHE A 501 0.42 -26.03 9.38
CA PHE A 501 -0.72 -25.30 8.77
C PHE A 501 -0.52 -23.78 8.97
N LYS A 502 0.33 -23.37 9.91
CA LYS A 502 0.59 -21.93 10.19
C LYS A 502 1.75 -21.33 9.38
N LEU A 503 2.44 -22.12 8.57
CA LEU A 503 3.51 -21.64 7.65
C LEU A 503 2.86 -20.94 6.46
N PRO A 504 3.24 -19.68 6.17
CA PRO A 504 2.71 -18.98 5.02
C PRO A 504 2.75 -19.84 3.74
N ASP A 505 1.60 -19.97 3.07
CA ASP A 505 1.53 -20.66 1.75
C ASP A 505 2.27 -19.82 0.73
N ARG A 506 2.35 -18.51 0.97
CA ARG A 506 2.99 -17.58 0.03
C ARG A 506 3.75 -16.51 0.84
N VAL A 507 4.93 -16.14 0.37
CA VAL A 507 5.73 -15.03 0.95
C VAL A 507 6.01 -14.02 -0.16
N GLU A 508 5.65 -12.76 0.05
CA GLU A 508 5.99 -11.64 -0.89
C GLU A 508 6.75 -10.54 -0.14
N CYS A 509 7.95 -10.22 -0.63
CA CYS A 509 8.73 -9.05 -0.19
C CYS A 509 8.32 -7.86 -1.07
N VAL A 510 8.00 -6.77 -0.41
CA VAL A 510 7.40 -5.58 -1.07
C VAL A 510 8.19 -4.37 -0.56
N ASP A 511 8.22 -3.30 -1.35
CA ASP A 511 9.08 -2.12 -1.08
C ASP A 511 8.56 -1.44 0.19
N SER A 512 7.24 -1.46 0.41
CA SER A 512 6.52 -0.74 1.49
C SER A 512 5.23 -1.46 1.91
N LEU A 513 4.74 -1.16 3.12
CA LEU A 513 3.37 -1.51 3.61
C LEU A 513 2.81 -0.29 4.35
N PRO A 514 1.49 -0.03 4.27
CA PRO A 514 0.89 1.06 5.03
C PRO A 514 0.81 0.83 6.55
N LEU A 515 1.16 1.84 7.36
CA LEU A 515 1.13 1.83 8.86
C LEU A 515 0.05 2.76 9.43
N VAL A 521 0.43 -2.37 10.80
CA VAL A 521 0.04 -2.50 9.35
C VAL A 521 -1.49 -2.37 9.23
N ASP A 522 -1.96 -1.41 8.44
CA ASP A 522 -3.39 -1.27 8.04
C ASP A 522 -3.73 -2.37 7.02
N LYS A 523 -4.31 -3.46 7.50
CA LYS A 523 -4.62 -4.64 6.65
C LYS A 523 -5.73 -4.31 5.64
N LYS A 524 -6.68 -3.48 6.02
CA LYS A 524 -7.83 -3.12 5.14
C LYS A 524 -7.28 -2.48 3.86
N GLN A 525 -6.33 -1.55 4.01
CA GLN A 525 -5.74 -0.82 2.86
C GLN A 525 -4.94 -1.81 2.00
N LEU A 526 -4.21 -2.74 2.62
CA LEU A 526 -3.40 -3.79 1.94
C LEU A 526 -4.27 -4.69 1.03
N ARG A 527 -5.48 -5.04 1.43
CA ARG A 527 -6.43 -5.83 0.60
C ARG A 527 -6.72 -5.08 -0.70
N GLN A 528 -6.87 -3.76 -0.61
CA GLN A 528 -7.15 -2.87 -1.76
C GLN A 528 -5.87 -2.65 -2.60
N ILE B 3 26.59 40.25 -6.41
CA ILE B 3 25.59 39.11 -6.45
C ILE B 3 26.34 37.78 -6.42
N PRO B 4 26.21 36.99 -5.35
CA PRO B 4 27.01 35.77 -5.20
C PRO B 4 26.45 34.53 -5.90
N PHE B 5 27.29 33.80 -6.62
CA PHE B 5 26.99 32.50 -7.23
C PHE B 5 28.21 31.58 -7.20
N THR B 6 27.98 30.31 -7.51
CA THR B 6 29.03 29.27 -7.56
C THR B 6 29.74 29.40 -8.91
N ARG B 7 30.99 29.86 -8.90
CA ARG B 7 31.82 30.05 -10.11
C ARG B 7 32.19 28.65 -10.59
N TRP B 8 32.55 28.52 -11.85
CA TRP B 8 33.16 27.28 -12.37
C TRP B 8 34.60 27.26 -11.84
N PRO B 9 35.23 26.08 -11.63
CA PRO B 9 36.67 26.04 -11.35
C PRO B 9 37.43 26.70 -12.52
N GLU B 10 38.54 27.35 -12.20
CA GLU B 10 39.32 28.19 -13.13
C GLU B 10 39.79 27.33 -14.32
N GLU B 11 40.06 26.04 -14.15
CA GLU B 11 40.51 25.18 -15.28
C GLU B 11 39.36 24.98 -16.27
N PHE B 12 38.12 24.86 -15.79
CA PHE B 12 36.90 24.78 -16.63
C PHE B 12 36.65 26.13 -17.33
N ALA B 13 36.72 27.27 -16.61
CA ALA B 13 36.51 28.61 -17.20
C ALA B 13 37.55 28.84 -18.32
N ARG B 14 38.81 28.42 -18.09
CA ARG B 14 39.92 28.66 -19.07
C ARG B 14 39.67 27.83 -20.34
N ARG B 15 39.28 26.57 -20.17
CA ARG B 15 38.94 25.67 -21.30
C ARG B 15 37.76 26.27 -22.08
N TYR B 16 36.69 26.67 -21.39
CA TYR B 16 35.43 27.13 -22.02
C TYR B 16 35.73 28.40 -22.84
N ARG B 17 36.64 29.27 -22.37
CA ARG B 17 37.08 30.47 -23.13
C ARG B 17 37.94 30.05 -24.32
N GLU B 18 38.94 29.18 -24.11
CA GLU B 18 39.88 28.67 -25.14
C GLU B 18 39.12 28.08 -26.35
N LYS B 19 37.95 27.45 -26.15
CA LYS B 19 37.18 26.74 -27.22
C LYS B 19 36.07 27.63 -27.78
N GLY B 20 35.92 28.86 -27.30
CA GLY B 20 35.06 29.89 -27.91
C GLY B 20 33.62 29.85 -27.41
N TYR B 21 33.35 29.08 -26.36
CA TYR B 21 31.98 28.95 -25.76
C TYR B 21 31.66 30.24 -25.00
N TRP B 22 32.59 30.64 -24.14
CA TRP B 22 32.56 31.89 -23.32
C TRP B 22 33.26 32.97 -24.11
N GLN B 23 32.48 33.92 -24.65
CA GLN B 23 32.95 35.02 -25.52
C GLN B 23 33.20 36.30 -24.72
N ASP B 24 32.84 36.35 -23.44
CA ASP B 24 32.96 37.52 -22.52
C ASP B 24 32.20 38.76 -23.06
N LEU B 25 31.08 38.57 -23.77
CA LEU B 25 30.18 39.66 -24.22
C LEU B 25 28.89 39.65 -23.38
N PRO B 26 28.29 40.83 -23.09
CA PRO B 26 27.01 40.89 -22.40
C PRO B 26 25.91 40.33 -23.30
N LEU B 27 24.78 39.93 -22.70
CA LEU B 27 23.58 39.44 -23.42
C LEU B 27 22.93 40.57 -24.22
N THR B 28 23.13 41.82 -23.81
CA THR B 28 22.59 43.05 -24.49
C THR B 28 23.03 43.05 -25.96
N ASP B 29 24.18 42.43 -26.25
CA ASP B 29 24.80 42.34 -27.60
C ASP B 29 23.85 41.62 -28.55
N ILE B 30 22.95 40.78 -28.02
CA ILE B 30 21.90 40.05 -28.79
C ILE B 30 20.97 41.05 -29.50
N LEU B 31 20.68 42.17 -28.85
CA LEU B 31 19.76 43.23 -29.36
C LEU B 31 20.56 44.36 -30.01
N THR B 32 21.63 44.83 -29.38
CA THR B 32 22.36 46.06 -29.82
C THR B 32 22.99 45.82 -31.19
N ARG B 33 23.34 44.60 -31.56
CA ARG B 33 23.89 44.34 -32.92
C ARG B 33 22.86 44.75 -33.98
N HIS B 34 21.58 44.80 -33.64
CA HIS B 34 20.47 45.09 -34.58
C HIS B 34 19.90 46.49 -34.33
N ALA B 35 20.58 47.34 -33.55
CA ALA B 35 20.03 48.63 -33.08
C ALA B 35 19.70 49.55 -34.28
N ALA B 36 20.38 49.33 -35.42
CA ALA B 36 20.24 50.13 -36.65
C ALA B 36 19.21 49.50 -37.60
N SER B 37 18.54 48.42 -37.21
CA SER B 37 17.67 47.64 -38.12
C SER B 37 16.21 48.02 -37.89
N ASP B 38 15.46 48.15 -38.97
CA ASP B 38 14.01 48.46 -38.99
C ASP B 38 13.22 47.20 -39.32
N SER B 39 13.86 46.05 -39.50
CA SER B 39 13.14 44.77 -39.67
C SER B 39 12.39 44.44 -38.36
N ILE B 40 11.26 43.74 -38.49
CA ILE B 40 10.34 43.48 -37.35
C ILE B 40 10.95 42.36 -36.48
N ALA B 41 11.11 42.65 -35.18
CA ALA B 41 11.65 41.76 -34.13
C ALA B 41 10.49 41.12 -33.34
N VAL B 42 9.40 41.84 -33.09
CA VAL B 42 8.28 41.37 -32.21
C VAL B 42 6.94 41.77 -32.84
N ILE B 43 6.04 40.78 -32.96
CA ILE B 43 4.60 41.03 -33.28
C ILE B 43 3.75 40.61 -32.07
N ASP B 44 2.92 41.52 -31.57
CA ASP B 44 2.08 41.33 -30.36
C ASP B 44 0.68 41.89 -30.67
N GLY B 45 -0.27 41.06 -31.12
CA GLY B 45 -1.57 41.52 -31.62
C GLY B 45 -1.41 42.37 -32.88
N GLU B 46 -1.83 43.65 -32.84
CA GLU B 46 -1.74 44.60 -33.98
C GLU B 46 -0.36 45.25 -34.05
N ARG B 47 0.39 45.23 -32.93
CA ARG B 47 1.64 46.00 -32.71
C ARG B 47 2.84 45.25 -33.30
N GLN B 48 3.73 45.98 -33.98
CA GLN B 48 4.96 45.45 -34.60
C GLN B 48 6.11 46.36 -34.17
N LEU B 49 7.08 45.81 -33.42
CA LEU B 49 8.30 46.56 -33.02
C LEU B 49 9.46 46.14 -33.91
N SER B 50 10.19 47.12 -34.47
CA SER B 50 11.49 46.91 -35.14
C SER B 50 12.57 46.62 -34.07
N TYR B 51 13.74 46.13 -34.47
CA TYR B 51 14.91 46.04 -33.57
C TYR B 51 15.28 47.46 -33.09
N ARG B 52 15.19 48.46 -33.99
CA ARG B 52 15.51 49.89 -33.66
C ARG B 52 14.65 50.33 -32.46
N GLU B 53 13.34 50.07 -32.54
CA GLU B 53 12.33 50.51 -31.54
C GLU B 53 12.52 49.73 -30.23
N LEU B 54 12.72 48.42 -30.33
CA LEU B 54 12.92 47.50 -29.20
C LEU B 54 14.15 47.97 -28.39
N ASN B 55 15.29 48.20 -29.06
CA ASN B 55 16.54 48.68 -28.42
C ASN B 55 16.31 50.08 -27.82
N GLN B 56 15.57 50.97 -28.50
CA GLN B 56 15.24 52.33 -28.00
C GLN B 56 14.33 52.22 -26.77
N ALA B 57 13.33 51.32 -26.81
CA ALA B 57 12.39 51.12 -25.66
C ALA B 57 13.19 50.68 -24.42
N ALA B 58 14.04 49.65 -24.57
CA ALA B 58 14.90 49.09 -23.52
C ALA B 58 15.75 50.20 -22.90
N ASP B 59 16.40 51.03 -23.73
CA ASP B 59 17.21 52.21 -23.29
C ASP B 59 16.31 53.17 -22.52
N ASN B 60 15.15 53.51 -23.08
CA ASN B 60 14.21 54.46 -22.42
C ASN B 60 13.97 53.97 -21.00
N LEU B 61 13.50 52.73 -20.88
CA LEU B 61 13.14 52.13 -19.57
C LEU B 61 14.38 52.04 -18.65
N ALA B 62 15.52 51.58 -19.18
CA ALA B 62 16.80 51.54 -18.42
C ALA B 62 17.08 52.91 -17.82
N CYS B 63 16.93 53.98 -18.60
CA CYS B 63 17.26 55.37 -18.21
C CYS B 63 16.31 55.81 -17.10
N SER B 64 15.01 55.68 -17.37
CA SER B 64 13.91 55.97 -16.42
C SER B 64 14.18 55.29 -15.07
N LEU B 65 14.49 54.00 -15.06
CA LEU B 65 14.82 53.21 -13.83
C LEU B 65 16.08 53.79 -13.17
N ARG B 66 17.11 54.13 -13.93
CA ARG B 66 18.36 54.74 -13.39
C ARG B 66 18.01 56.07 -12.73
N ARG B 67 17.15 56.88 -13.36
CA ARG B 67 16.62 58.18 -12.83
C ARG B 67 15.85 57.95 -11.51
N GLN B 68 15.18 56.80 -11.33
CA GLN B 68 14.38 56.48 -10.13
C GLN B 68 15.24 55.80 -9.04
N GLY B 69 16.54 55.61 -9.31
CA GLY B 69 17.58 55.32 -8.32
C GLY B 69 18.06 53.86 -8.32
N ILE B 70 17.63 53.07 -9.30
CA ILE B 70 18.06 51.65 -9.48
C ILE B 70 19.51 51.63 -10.00
N LYS B 71 20.33 50.74 -9.44
CA LYS B 71 21.80 50.73 -9.68
C LYS B 71 22.23 49.34 -10.10
N PRO B 72 23.35 49.24 -10.87
CA PRO B 72 23.99 47.97 -11.17
C PRO B 72 24.19 47.08 -9.94
N GLY B 73 24.06 45.75 -10.11
CA GLY B 73 24.27 44.76 -9.02
C GLY B 73 23.05 44.58 -8.13
N GLU B 74 22.01 45.41 -8.32
CA GLU B 74 20.71 45.17 -7.64
C GLU B 74 19.93 44.11 -8.43
N THR B 75 18.95 43.50 -7.76
CA THR B 75 18.06 42.43 -8.33
C THR B 75 16.67 43.02 -8.57
N ALA B 76 15.82 42.31 -9.30
CA ALA B 76 14.42 42.74 -9.54
C ALA B 76 13.52 41.51 -9.72
N LEU B 77 12.27 41.62 -9.28
CA LEU B 77 11.19 40.65 -9.57
C LEU B 77 10.33 41.19 -10.71
N VAL B 78 10.19 40.40 -11.78
CA VAL B 78 9.40 40.77 -12.98
C VAL B 78 8.34 39.70 -13.25
N GLN B 79 7.08 40.12 -13.37
CA GLN B 79 5.96 39.23 -13.77
C GLN B 79 5.15 39.82 -14.93
N LEU B 80 5.62 39.57 -16.14
CA LEU B 80 4.92 39.89 -17.41
C LEU B 80 4.70 38.58 -18.17
N GLY B 81 3.55 38.47 -18.86
CA GLY B 81 3.20 37.29 -19.66
C GLY B 81 3.76 37.38 -21.08
N ASN B 82 2.96 36.94 -22.07
CA ASN B 82 3.36 36.87 -23.50
C ASN B 82 3.09 38.25 -24.11
N VAL B 83 3.78 39.29 -23.65
CA VAL B 83 3.66 40.69 -24.18
C VAL B 83 5.04 41.26 -24.53
N ALA B 84 5.07 42.24 -25.43
CA ALA B 84 6.31 42.89 -25.92
C ALA B 84 7.12 43.42 -24.73
N GLU B 85 6.44 43.89 -23.70
CA GLU B 85 7.12 44.58 -22.57
C GLU B 85 7.96 43.56 -21.79
N LEU B 86 7.69 42.25 -21.95
CA LEU B 86 8.59 41.21 -21.37
C LEU B 86 10.01 41.44 -21.90
N TYR B 87 10.17 41.52 -23.21
CA TYR B 87 11.49 41.59 -23.89
C TYR B 87 12.12 42.96 -23.58
N ILE B 88 11.39 44.07 -23.78
CA ILE B 88 11.85 45.46 -23.49
C ILE B 88 12.43 45.48 -22.07
N THR B 89 11.68 45.01 -21.07
CA THR B 89 12.06 44.99 -19.64
C THR B 89 13.32 44.14 -19.42
N PHE B 90 13.39 42.96 -20.06
CA PHE B 90 14.52 42.02 -19.91
C PHE B 90 15.79 42.75 -20.38
N PHE B 91 15.71 43.39 -21.54
CA PHE B 91 16.90 44.08 -22.12
C PHE B 91 17.21 45.35 -21.31
N ALA B 92 16.20 46.09 -20.82
CA ALA B 92 16.46 47.28 -19.98
C ALA B 92 17.30 46.85 -18.76
N LEU B 93 16.80 45.90 -17.98
CA LEU B 93 17.51 45.42 -16.76
C LEU B 93 18.91 44.88 -17.12
N LEU B 94 19.09 44.27 -18.28
CA LEU B 94 20.43 43.79 -18.71
C LEU B 94 21.35 44.98 -18.99
N LYS B 95 20.83 46.05 -19.60
CA LYS B 95 21.59 47.30 -19.89
C LYS B 95 21.95 48.05 -18.60
N LEU B 96 21.19 47.85 -17.50
CA LEU B 96 21.48 48.47 -16.18
C LEU B 96 22.42 47.63 -15.32
N GLY B 97 22.56 46.33 -15.60
CA GLY B 97 23.28 45.37 -14.74
C GLY B 97 22.46 44.98 -13.53
N VAL B 98 21.13 45.09 -13.64
CA VAL B 98 20.15 44.59 -12.63
C VAL B 98 19.79 43.17 -13.05
N ALA B 99 19.82 42.22 -12.14
CA ALA B 99 19.58 40.78 -12.41
C ALA B 99 18.16 40.43 -11.96
N PRO B 100 17.22 40.17 -12.91
CA PRO B 100 15.85 39.79 -12.56
C PRO B 100 15.56 38.30 -12.41
N VAL B 101 14.48 37.99 -11.68
CA VAL B 101 13.65 36.76 -11.81
C VAL B 101 12.48 37.10 -12.73
N LEU B 102 12.23 36.30 -13.76
CA LEU B 102 10.98 36.43 -14.60
C LEU B 102 9.95 35.40 -14.13
N ALA B 103 9.08 35.80 -13.22
CA ALA B 103 7.90 34.97 -12.82
C ALA B 103 6.99 34.78 -14.04
N LEU B 104 6.37 33.62 -14.11
CA LEU B 104 5.28 33.34 -15.08
C LEU B 104 4.01 34.00 -14.56
N PHE B 105 3.20 34.51 -15.47
CA PHE B 105 1.87 35.10 -15.16
C PHE B 105 1.10 34.19 -14.19
N SER B 106 1.17 32.88 -14.39
CA SER B 106 0.33 31.88 -13.66
C SER B 106 0.64 31.95 -12.16
N HIS B 107 1.85 32.42 -11.78
CA HIS B 107 2.37 32.40 -10.40
C HIS B 107 1.58 33.38 -9.53
N GLN B 108 1.49 33.11 -8.23
CA GLN B 108 0.61 33.82 -7.27
C GLN B 108 1.41 34.23 -6.01
N ARG B 109 0.75 34.51 -4.87
CA ARG B 109 1.37 35.12 -3.65
C ARG B 109 2.57 34.29 -3.19
N SER B 110 2.36 32.99 -3.01
CA SER B 110 3.34 32.10 -2.35
C SER B 110 4.62 32.13 -3.18
N GLU B 111 4.52 32.08 -4.51
CA GLU B 111 5.70 32.02 -5.40
C GLU B 111 6.38 33.40 -5.45
N LEU B 112 5.61 34.47 -5.61
CA LEU B 112 6.20 35.84 -5.66
C LEU B 112 6.92 36.10 -4.34
N ASN B 113 6.27 35.81 -3.21
CA ASN B 113 6.84 36.00 -1.86
C ASN B 113 8.19 35.26 -1.81
N ALA B 114 8.19 33.99 -2.21
CA ALA B 114 9.38 33.13 -2.17
C ALA B 114 10.47 33.76 -3.04
N TYR B 115 10.13 34.28 -4.22
CA TYR B 115 11.14 34.86 -5.13
C TYR B 115 11.71 36.12 -4.47
N ALA B 116 10.84 37.02 -3.99
CA ALA B 116 11.23 38.31 -3.37
C ALA B 116 12.07 38.05 -2.11
N SER B 117 11.74 37.02 -1.33
CA SER B 117 12.45 36.68 -0.08
C SER B 117 13.90 36.29 -0.40
N GLN B 118 14.14 35.56 -1.50
CA GLN B 118 15.50 35.05 -1.81
C GLN B 118 16.38 36.12 -2.46
N ILE B 119 15.86 37.05 -3.28
CA ILE B 119 16.69 37.94 -4.15
C ILE B 119 16.72 39.39 -3.61
N GLU B 120 15.79 39.74 -2.72
CA GLU B 120 15.70 41.10 -2.11
C GLU B 120 15.68 42.11 -3.26
N PRO B 121 14.63 42.12 -4.08
CA PRO B 121 14.59 42.96 -5.26
C PRO B 121 14.43 44.44 -4.88
N ALA B 122 15.09 45.33 -5.63
CA ALA B 122 14.94 46.79 -5.51
C ALA B 122 13.80 47.25 -6.42
N LEU B 123 13.42 46.40 -7.37
CA LEU B 123 12.43 46.76 -8.42
C LEU B 123 11.39 45.64 -8.51
N LEU B 124 10.12 46.01 -8.67
CA LEU B 124 8.99 45.10 -8.97
C LEU B 124 8.32 45.61 -10.24
N ILE B 125 8.21 44.73 -11.24
CA ILE B 125 7.46 45.02 -12.49
C ILE B 125 6.37 43.96 -12.63
N ALA B 126 5.12 44.35 -12.71
CA ALA B 126 3.94 43.45 -12.75
C ALA B 126 2.86 44.06 -13.66
N ASP B 127 1.67 43.49 -13.65
CA ASP B 127 0.61 43.75 -14.67
C ASP B 127 -0.73 43.90 -13.95
N ARG B 128 -1.41 45.03 -14.12
CA ARG B 128 -2.70 45.30 -13.44
C ARG B 128 -3.76 44.33 -13.96
N GLN B 129 -3.46 43.60 -15.02
CA GLN B 129 -4.35 42.53 -15.54
C GLN B 129 -4.24 41.29 -14.67
N HIS B 130 -3.14 41.12 -13.94
CA HIS B 130 -2.99 39.98 -13.00
C HIS B 130 -3.90 40.23 -11.77
N ALA B 131 -4.65 39.22 -11.31
CA ALA B 131 -5.61 39.34 -10.18
C ALA B 131 -4.93 39.99 -8.96
N LEU B 132 -3.65 39.67 -8.70
CA LEU B 132 -2.91 40.21 -7.53
C LEU B 132 -2.65 41.71 -7.68
N PHE B 133 -2.70 42.28 -8.89
CA PHE B 133 -2.19 43.66 -9.12
C PHE B 133 -3.29 44.59 -9.67
N SER B 134 -4.55 44.15 -9.82
CA SER B 134 -5.65 45.04 -10.29
C SER B 134 -6.05 46.02 -9.18
N GLY B 135 -5.83 45.67 -7.91
CA GLY B 135 -5.98 46.57 -6.75
C GLY B 135 -4.63 47.02 -6.22
N ASP B 136 -4.62 47.67 -5.06
CA ASP B 136 -3.38 48.15 -4.41
C ASP B 136 -3.18 47.44 -3.08
N ASP B 137 -4.11 46.57 -2.68
CA ASP B 137 -4.12 45.87 -1.36
C ASP B 137 -2.87 45.00 -1.22
N PHE B 138 -2.68 44.05 -2.14
CA PHE B 138 -1.56 43.10 -2.12
C PHE B 138 -0.24 43.85 -2.30
N LEU B 139 -0.20 44.79 -3.23
CA LEU B 139 1.02 45.59 -3.43
C LEU B 139 1.46 46.17 -2.08
N ASN B 140 0.54 46.79 -1.34
CA ASN B 140 0.80 47.41 -0.02
C ASN B 140 1.43 46.37 0.92
N THR B 141 0.85 45.16 0.97
CA THR B 141 1.39 44.09 1.82
C THR B 141 2.76 43.70 1.27
N PHE B 142 2.83 43.43 -0.03
CA PHE B 142 4.05 42.93 -0.71
C PHE B 142 5.25 43.84 -0.44
N VAL B 143 5.04 45.14 -0.63
CA VAL B 143 6.10 46.18 -0.55
C VAL B 143 6.50 46.40 0.92
N THR B 144 5.59 46.20 1.88
CA THR B 144 5.86 46.20 3.35
C THR B 144 6.73 44.99 3.72
N GLU B 145 6.31 43.78 3.34
CA GLU B 145 6.98 42.51 3.72
C GLU B 145 8.34 42.37 3.03
N HIS B 146 8.56 43.07 1.91
CA HIS B 146 9.82 43.00 1.10
C HIS B 146 10.42 44.41 0.95
N SER B 147 10.96 44.94 2.04
CA SER B 147 11.41 46.35 2.19
C SER B 147 12.55 46.71 1.22
N SER B 148 13.19 45.73 0.58
CA SER B 148 14.22 45.94 -0.48
C SER B 148 13.60 46.74 -1.63
N ILE B 149 12.32 46.54 -1.92
CA ILE B 149 11.61 47.18 -3.09
C ILE B 149 11.51 48.70 -2.87
N ARG B 150 12.08 49.47 -3.80
CA ARG B 150 12.07 50.96 -3.80
C ARG B 150 11.21 51.51 -4.95
N VAL B 151 11.02 50.73 -6.02
CA VAL B 151 10.35 51.16 -7.28
C VAL B 151 9.40 50.03 -7.73
N VAL B 152 8.19 50.42 -8.13
CA VAL B 152 7.12 49.54 -8.69
C VAL B 152 6.73 50.13 -10.04
N GLN B 153 6.92 49.39 -11.13
CA GLN B 153 6.38 49.76 -12.47
C GLN B 153 5.30 48.71 -12.82
N LEU B 154 4.16 49.14 -13.36
CA LEU B 154 2.98 48.29 -13.64
C LEU B 154 2.51 48.56 -15.07
N LEU B 155 2.45 47.48 -15.86
CA LEU B 155 1.73 47.40 -17.14
C LEU B 155 0.23 47.58 -16.87
N ASN B 156 -0.47 48.24 -17.80
CA ASN B 156 -1.95 48.41 -17.83
C ASN B 156 -2.36 49.21 -16.60
N ASP B 157 -1.55 50.22 -16.26
CA ASP B 157 -1.77 51.20 -15.16
C ASP B 157 -1.73 52.57 -15.82
N SER B 158 -2.54 53.51 -15.38
CA SER B 158 -2.55 54.92 -15.88
C SER B 158 -2.38 55.92 -14.73
N GLY B 159 -1.98 55.42 -13.54
CA GLY B 159 -1.58 56.23 -12.37
C GLY B 159 -0.10 56.55 -12.40
N GLU B 160 0.52 56.72 -11.22
CA GLU B 160 1.91 57.20 -11.09
C GLU B 160 2.90 56.13 -11.53
N HIS B 161 2.49 54.86 -11.57
CA HIS B 161 3.43 53.70 -11.73
C HIS B 161 3.30 53.05 -13.12
N ASN B 162 2.84 53.81 -14.11
CA ASN B 162 2.64 53.32 -15.49
C ASN B 162 3.99 52.97 -16.11
N LEU B 163 4.19 51.69 -16.47
CA LEU B 163 5.42 51.18 -17.13
C LEU B 163 5.58 51.81 -18.51
N GLN B 164 4.47 52.16 -19.16
CA GLN B 164 4.47 52.76 -20.53
C GLN B 164 5.12 54.16 -20.50
N ASP B 165 4.84 54.98 -19.49
CA ASP B 165 5.43 56.34 -19.39
C ASP B 165 6.95 56.22 -19.36
N ALA B 166 7.48 55.22 -18.65
CA ALA B 166 8.92 54.92 -18.57
C ALA B 166 9.50 54.50 -19.94
N ILE B 167 8.77 53.65 -20.69
CA ILE B 167 9.24 53.10 -21.99
C ILE B 167 9.21 54.21 -23.04
N ASN B 168 8.18 55.06 -23.01
CA ASN B 168 7.92 56.16 -24.00
C ASN B 168 8.74 57.41 -23.68
N HIS B 169 9.41 57.49 -22.52
CA HIS B 169 10.25 58.66 -22.14
C HIS B 169 11.65 58.54 -22.73
N PRO B 170 12.01 59.38 -23.74
CA PRO B 170 13.22 59.18 -24.54
C PRO B 170 14.49 59.41 -23.71
N ALA B 171 15.42 58.48 -23.78
CA ALA B 171 16.70 58.54 -23.03
C ALA B 171 17.58 59.64 -23.64
N GLU B 172 17.96 60.66 -22.85
CA GLU B 172 18.69 61.87 -23.32
C GLU B 172 20.11 61.44 -23.73
N ASP B 173 20.97 61.06 -22.77
CA ASP B 173 22.32 60.47 -23.05
C ASP B 173 22.54 59.27 -22.12
N PHE B 174 22.02 58.11 -22.54
CA PHE B 174 22.05 56.85 -21.78
C PHE B 174 23.19 55.97 -22.30
N THR B 175 24.04 55.47 -21.39
CA THR B 175 25.09 54.48 -21.73
C THR B 175 24.89 53.24 -20.83
N ALA B 176 24.89 52.04 -21.43
CA ALA B 176 24.61 50.73 -20.78
C ALA B 176 25.71 50.40 -19.78
N THR B 177 25.35 49.80 -18.64
CA THR B 177 26.33 49.26 -17.66
C THR B 177 25.97 47.82 -17.32
N PRO B 178 26.06 46.89 -18.30
CA PRO B 178 25.78 45.47 -18.05
C PRO B 178 26.73 44.92 -16.99
N SER B 179 26.28 44.00 -16.14
CA SER B 179 27.18 43.29 -15.18
C SER B 179 28.32 42.69 -15.99
N PRO B 180 29.52 42.44 -15.40
CA PRO B 180 30.57 41.69 -16.11
C PRO B 180 30.05 40.35 -16.69
N ALA B 181 30.59 39.95 -17.86
CA ALA B 181 30.11 38.76 -18.61
C ALA B 181 30.33 37.47 -17.80
N ASP B 182 31.24 37.47 -16.83
CA ASP B 182 31.48 36.29 -15.97
C ASP B 182 30.71 36.40 -14.64
N GLU B 183 29.91 37.46 -14.46
CA GLU B 183 28.99 37.62 -13.30
C GLU B 183 27.54 37.31 -13.71
N VAL B 184 26.68 37.22 -12.71
CA VAL B 184 25.24 36.86 -12.89
C VAL B 184 24.58 37.90 -13.80
N ALA B 185 23.85 37.43 -14.82
CA ALA B 185 23.03 38.29 -15.70
C ALA B 185 21.57 38.19 -15.27
N TYR B 186 21.13 36.98 -14.90
CA TYR B 186 19.76 36.79 -14.38
C TYR B 186 19.60 35.42 -13.71
N PHE B 187 18.41 35.23 -13.12
CA PHE B 187 17.97 34.07 -12.32
C PHE B 187 16.90 33.27 -13.12
N GLN B 188 17.18 31.99 -13.39
CA GLN B 188 16.20 31.04 -13.94
C GLN B 188 15.56 30.31 -12.77
N LEU B 189 14.28 29.95 -12.90
CA LEU B 189 13.48 29.14 -11.95
C LEU B 189 13.66 27.63 -12.25
N SER B 190 13.94 26.81 -11.23
CA SER B 190 13.94 25.32 -11.40
C SER B 190 12.49 24.83 -11.50
N GLY B 191 12.33 23.61 -11.98
CA GLY B 191 11.05 22.90 -11.87
C GLY B 191 10.69 22.78 -10.41
N GLY B 192 11.67 22.39 -9.60
CA GLY B 192 11.53 22.29 -8.15
C GLY B 192 11.53 20.84 -7.72
N THR B 193 12.32 20.53 -6.68
CA THR B 193 12.39 19.22 -6.01
C THR B 193 12.20 19.40 -4.50
N THR B 194 11.91 20.62 -4.03
CA THR B 194 11.97 20.98 -2.58
C THR B 194 10.82 21.90 -2.22
N GLY B 195 10.60 22.11 -0.91
CA GLY B 195 9.52 22.94 -0.36
C GLY B 195 9.60 24.39 -0.77
N THR B 196 10.78 24.98 -0.88
CA THR B 196 10.95 26.39 -1.32
C THR B 196 11.65 26.40 -2.68
N PRO B 197 11.26 27.30 -3.59
CA PRO B 197 11.87 27.41 -4.92
C PRO B 197 13.38 27.65 -4.88
N LYS B 198 14.10 27.03 -5.81
CA LYS B 198 15.56 27.22 -5.98
C LYS B 198 15.78 28.06 -7.26
N LEU B 199 16.58 29.12 -7.14
CA LEU B 199 16.88 30.02 -8.28
C LEU B 199 18.23 29.60 -8.87
N ILE B 200 18.37 29.73 -10.19
CA ILE B 200 19.57 29.32 -10.95
C ILE B 200 20.28 30.55 -11.48
N PRO B 201 21.44 30.93 -10.90
CA PRO B 201 22.21 32.05 -11.43
C PRO B 201 22.73 31.69 -12.82
N ARG B 202 22.47 32.57 -13.77
CA ARG B 202 22.96 32.47 -15.17
C ARG B 202 23.86 33.67 -15.42
N THR B 203 25.15 33.44 -15.68
CA THR B 203 26.11 34.48 -16.15
C THR B 203 25.82 34.76 -17.63
N HIS B 204 26.30 35.89 -18.15
CA HIS B 204 26.20 36.23 -19.60
C HIS B 204 26.97 35.19 -20.45
N ASN B 205 28.20 34.85 -20.05
CA ASN B 205 29.04 33.86 -20.78
C ASN B 205 28.22 32.60 -21.03
N ASP B 206 27.55 32.15 -19.96
CA ASP B 206 26.96 30.80 -19.90
C ASP B 206 25.64 30.83 -20.67
N TYR B 207 24.79 31.83 -20.41
CA TYR B 207 23.45 31.95 -21.04
C TYR B 207 23.59 32.29 -22.54
N TYR B 208 24.48 33.21 -22.91
CA TYR B 208 24.69 33.63 -24.33
C TYR B 208 25.11 32.40 -25.14
N TYR B 209 26.04 31.59 -24.62
CA TYR B 209 26.50 30.36 -25.31
C TYR B 209 25.29 29.46 -25.59
N SER B 210 24.46 29.22 -24.59
CA SER B 210 23.31 28.28 -24.74
C SER B 210 22.42 28.84 -25.86
N VAL B 211 22.17 30.16 -25.90
CA VAL B 211 21.38 30.82 -27.00
C VAL B 211 22.11 30.64 -28.34
N ARG B 212 23.39 31.03 -28.41
CA ARG B 212 24.16 31.11 -29.69
C ARG B 212 24.26 29.71 -30.32
N ARG B 213 24.53 28.70 -29.52
CA ARG B 213 24.69 27.31 -29.97
C ARG B 213 23.32 26.75 -30.40
N SER B 214 22.25 27.05 -29.67
CA SER B 214 20.89 26.59 -30.04
C SER B 214 20.50 27.20 -31.40
N VAL B 215 20.97 28.41 -31.70
CA VAL B 215 20.71 29.08 -33.02
C VAL B 215 21.46 28.34 -34.14
N GLU B 216 22.70 27.90 -33.93
CA GLU B 216 23.46 27.10 -34.94
C GLU B 216 22.65 25.83 -35.24
N ILE B 217 22.25 25.09 -34.21
CA ILE B 217 21.61 23.75 -34.33
C ILE B 217 20.25 23.87 -35.03
N CYS B 218 19.49 24.93 -34.76
CA CYS B 218 18.11 25.11 -35.30
C CYS B 218 18.17 25.96 -36.57
N GLN B 219 19.37 26.39 -36.97
CA GLN B 219 19.58 27.10 -38.26
C GLN B 219 18.63 28.28 -38.37
N PHE B 220 18.42 29.02 -37.28
CA PHE B 220 17.62 30.29 -37.26
C PHE B 220 18.34 31.35 -38.10
N THR B 221 17.59 32.20 -38.79
CA THR B 221 18.12 33.34 -39.60
C THR B 221 17.16 34.52 -39.46
N GLN B 222 17.34 35.58 -40.27
CA GLN B 222 16.39 36.73 -40.32
C GLN B 222 15.03 36.29 -40.87
N GLN B 223 14.97 35.12 -41.55
CA GLN B 223 13.72 34.55 -42.12
C GLN B 223 12.96 33.75 -41.06
N THR B 224 13.53 33.55 -39.86
CA THR B 224 12.86 32.84 -38.75
C THR B 224 11.68 33.69 -38.29
N ARG B 225 10.48 33.17 -38.51
CA ARG B 225 9.24 33.71 -37.92
C ARG B 225 8.77 32.71 -36.85
N TYR B 226 9.04 32.98 -35.59
CA TYR B 226 8.90 32.06 -34.43
C TYR B 226 7.68 32.46 -33.62
N LEU B 227 6.66 31.57 -33.57
CA LEU B 227 5.47 31.73 -32.68
C LEU B 227 5.89 31.34 -31.26
N CYS B 228 5.88 32.31 -30.36
CA CYS B 228 6.11 32.10 -28.91
C CYS B 228 4.76 32.08 -28.23
N ALA B 229 4.20 30.89 -28.03
CA ALA B 229 2.80 30.69 -27.56
C ALA B 229 2.79 30.10 -26.15
N ILE B 230 3.86 29.42 -25.74
CA ILE B 230 4.03 28.95 -24.34
C ILE B 230 4.44 30.15 -23.50
N PRO B 231 4.32 30.09 -22.15
CA PRO B 231 4.76 31.20 -21.31
C PRO B 231 6.18 31.63 -21.71
N ALA B 232 6.31 32.89 -22.14
CA ALA B 232 7.48 33.45 -22.86
C ALA B 232 8.68 33.56 -21.92
N ALA B 233 8.45 33.59 -20.62
CA ALA B 233 9.51 33.85 -19.62
C ALA B 233 10.18 32.54 -19.20
N HIS B 234 9.64 31.37 -19.58
CA HIS B 234 10.31 30.06 -19.36
C HIS B 234 11.51 29.96 -20.31
N GLY B 235 12.56 29.25 -19.92
CA GLY B 235 13.83 29.18 -20.69
C GLY B 235 13.71 28.45 -22.03
N TYR B 236 12.80 27.49 -22.15
CA TYR B 236 12.54 26.76 -23.42
C TYR B 236 12.07 27.80 -24.46
N ALA B 237 11.24 28.75 -24.02
CA ALA B 237 10.62 29.79 -24.88
C ALA B 237 11.56 30.96 -25.08
N MET B 238 12.58 31.05 -24.24
CA MET B 238 13.43 32.26 -24.10
C MET B 238 14.79 32.03 -24.77
N SER B 239 15.32 30.80 -24.78
CA SER B 239 16.77 30.56 -25.00
C SER B 239 17.11 29.23 -25.71
N SER B 240 16.13 28.41 -26.15
CA SER B 240 16.39 27.04 -26.67
C SER B 240 15.73 26.77 -28.02
N PRO B 241 16.00 27.55 -29.09
CA PRO B 241 16.70 28.84 -29.00
C PRO B 241 15.82 29.99 -28.51
N GLY B 242 14.49 29.86 -28.64
CA GLY B 242 13.50 30.79 -28.07
C GLY B 242 13.60 32.19 -28.65
N SER B 243 13.03 33.17 -27.95
CA SER B 243 12.92 34.59 -28.39
C SER B 243 14.30 35.24 -28.56
N LEU B 244 15.22 35.00 -27.61
CA LEU B 244 16.60 35.57 -27.66
C LEU B 244 17.31 35.01 -28.90
N GLY B 245 17.14 33.72 -29.20
CA GLY B 245 17.79 33.10 -30.36
C GLY B 245 17.25 33.69 -31.65
N VAL B 246 15.95 33.99 -31.69
CA VAL B 246 15.29 34.73 -32.81
C VAL B 246 15.94 36.12 -32.91
N PHE B 247 16.01 36.88 -31.82
CA PHE B 247 16.60 38.24 -31.83
C PHE B 247 18.05 38.14 -32.33
N LEU B 248 18.79 37.13 -31.84
CA LEU B 248 20.23 37.01 -32.14
C LEU B 248 20.36 36.98 -33.64
N ALA B 249 19.51 36.17 -34.26
CA ALA B 249 19.46 35.85 -35.71
C ALA B 249 18.73 36.95 -36.50
N GLY B 250 18.13 37.93 -35.84
CA GLY B 250 17.41 39.04 -36.51
C GLY B 250 16.06 38.61 -37.07
N GLY B 251 15.45 37.54 -36.56
CA GLY B 251 14.15 37.02 -37.01
C GLY B 251 12.98 37.80 -36.43
N THR B 252 11.80 37.20 -36.44
CA THR B 252 10.59 37.85 -35.86
C THR B 252 9.95 36.87 -34.86
N VAL B 253 9.63 37.39 -33.68
CA VAL B 253 8.88 36.66 -32.62
C VAL B 253 7.42 37.08 -32.70
N VAL B 254 6.52 36.12 -32.88
CA VAL B 254 5.04 36.36 -32.87
C VAL B 254 4.53 35.82 -31.52
N LEU B 255 4.07 36.70 -30.64
CA LEU B 255 3.55 36.35 -29.30
C LEU B 255 2.10 35.88 -29.41
N ALA B 256 1.72 34.92 -28.59
CA ALA B 256 0.35 34.42 -28.45
C ALA B 256 0.06 34.16 -26.96
N ALA B 257 -1.09 34.63 -26.47
CA ALA B 257 -1.51 34.55 -25.06
C ALA B 257 -1.39 33.12 -24.55
N ASP B 258 -1.68 32.11 -25.39
CA ASP B 258 -1.62 30.66 -25.02
C ASP B 258 -1.42 29.80 -26.27
N PRO B 259 -1.09 28.50 -26.12
CA PRO B 259 -0.90 27.60 -27.26
C PRO B 259 -2.16 26.89 -27.77
N SER B 260 -3.34 27.52 -27.67
CA SER B 260 -4.60 26.93 -28.21
C SER B 260 -4.59 27.02 -29.74
N ALA B 261 -5.11 26.00 -30.43
CA ALA B 261 -5.27 26.00 -31.89
C ALA B 261 -6.13 27.22 -32.31
N THR B 262 -7.16 27.58 -31.54
CA THR B 262 -8.08 28.68 -31.87
C THR B 262 -7.29 29.96 -32.17
N LEU B 263 -6.23 30.17 -31.40
CA LEU B 263 -5.44 31.42 -31.42
C LEU B 263 -4.26 31.27 -32.38
N CYS B 264 -3.60 30.12 -32.37
CA CYS B 264 -2.27 29.88 -32.99
C CYS B 264 -2.38 29.52 -34.48
N PHE B 265 -3.43 28.81 -34.88
CA PHE B 265 -3.71 28.47 -36.31
C PHE B 265 -3.83 29.76 -37.11
N PRO B 266 -4.75 30.70 -36.73
CA PRO B 266 -4.83 32.00 -37.39
C PRO B 266 -3.50 32.76 -37.41
N LEU B 267 -2.76 32.72 -36.30
CA LEU B 267 -1.49 33.49 -36.19
C LEU B 267 -0.44 32.90 -37.13
N ILE B 268 -0.41 31.58 -37.32
CA ILE B 268 0.67 30.92 -38.12
C ILE B 268 0.47 31.28 -39.60
N GLU B 269 -0.79 31.25 -40.08
CA GLU B 269 -1.17 31.52 -41.50
C GLU B 269 -0.92 33.00 -41.77
N LYS B 270 -1.47 33.87 -40.92
CA LYS B 270 -1.40 35.36 -41.00
C LYS B 270 0.05 35.85 -41.07
N HIS B 271 0.92 35.39 -40.19
CA HIS B 271 2.31 35.88 -40.07
C HIS B 271 3.30 34.95 -40.80
N GLN B 272 2.83 33.87 -41.41
CA GLN B 272 3.67 32.89 -42.14
C GLN B 272 4.73 32.34 -41.19
N VAL B 273 4.35 32.03 -39.96
CA VAL B 273 5.25 31.42 -38.93
C VAL B 273 5.89 30.15 -39.49
N ASN B 274 7.18 29.96 -39.27
CA ASN B 274 7.90 28.79 -39.84
C ASN B 274 8.51 27.94 -38.73
N VAL B 275 8.52 28.41 -37.49
CA VAL B 275 8.90 27.55 -36.35
C VAL B 275 8.11 27.96 -35.10
N THR B 276 7.78 26.99 -34.26
CA THR B 276 7.21 27.23 -32.92
C THR B 276 7.67 26.11 -31.97
N ALA B 277 7.34 26.30 -30.69
CA ALA B 277 7.69 25.37 -29.60
C ALA B 277 6.41 25.03 -28.85
N LEU B 278 6.20 23.73 -28.63
CA LEU B 278 5.04 23.20 -27.89
C LEU B 278 5.53 22.19 -26.85
N VAL B 279 4.58 21.80 -25.99
CA VAL B 279 4.68 20.66 -25.04
C VAL B 279 3.75 19.58 -25.59
N PRO B 280 3.95 18.28 -25.27
CA PRO B 280 3.15 17.20 -25.87
C PRO B 280 1.62 17.40 -25.90
N PRO B 281 0.94 17.76 -24.80
CA PRO B 281 -0.52 17.87 -24.82
C PRO B 281 -1.05 18.91 -25.84
N ALA B 282 -0.38 20.05 -26.00
CA ALA B 282 -0.64 21.08 -27.04
C ALA B 282 -0.57 20.43 -28.43
N VAL B 283 0.41 19.55 -28.65
CA VAL B 283 0.59 18.84 -29.93
C VAL B 283 -0.63 17.95 -30.14
N SER B 284 -1.02 17.18 -29.10
CA SER B 284 -2.26 16.35 -29.08
C SER B 284 -3.45 17.22 -29.52
N LEU B 285 -3.69 18.34 -28.83
CA LEU B 285 -4.87 19.20 -29.05
C LEU B 285 -4.86 19.78 -30.47
N TRP B 286 -3.68 20.14 -31.01
CA TRP B 286 -3.53 20.66 -32.40
C TRP B 286 -3.92 19.57 -33.42
N LEU B 287 -3.38 18.37 -33.26
CA LEU B 287 -3.64 17.25 -34.20
C LEU B 287 -5.15 16.97 -34.18
N GLN B 288 -5.75 16.98 -33.00
CA GLN B 288 -7.21 16.73 -32.86
C GLN B 288 -7.99 17.91 -33.50
N ALA B 289 -7.54 19.14 -33.33
CA ALA B 289 -8.17 20.30 -34.00
C ALA B 289 -8.27 20.03 -35.51
N LEU B 290 -7.19 19.53 -36.14
CA LEU B 290 -7.15 19.28 -37.61
C LEU B 290 -8.15 18.18 -37.97
N ILE B 291 -8.22 17.15 -37.15
CA ILE B 291 -9.20 16.04 -37.31
C ILE B 291 -10.63 16.58 -37.14
N GLU B 292 -10.86 17.54 -36.25
CA GLU B 292 -12.21 18.14 -36.00
C GLU B 292 -12.53 19.19 -37.08
N GLY B 293 -11.68 19.31 -38.09
CA GLY B 293 -11.98 19.98 -39.39
C GLY B 293 -11.21 21.27 -39.62
N GLU B 294 -10.23 21.63 -38.80
CA GLU B 294 -9.39 22.82 -39.12
C GLU B 294 -8.61 22.51 -40.41
N SER B 295 -8.43 23.50 -41.27
CA SER B 295 -7.71 23.40 -42.56
C SER B 295 -6.22 23.27 -42.28
N ARG B 296 -5.64 22.15 -42.70
CA ARG B 296 -4.17 21.87 -42.68
C ARG B 296 -3.37 23.03 -43.32
N ALA B 297 -3.93 23.74 -44.31
CA ALA B 297 -3.23 24.78 -45.12
C ALA B 297 -2.83 25.96 -44.25
N GLN B 298 -3.52 26.16 -43.11
CA GLN B 298 -3.21 27.24 -42.12
C GLN B 298 -1.78 27.07 -41.58
N LEU B 299 -1.23 25.84 -41.60
CA LEU B 299 0.07 25.46 -40.99
C LEU B 299 1.14 25.18 -42.08
N ALA B 300 0.87 25.51 -43.35
CA ALA B 300 1.76 25.21 -44.48
C ALA B 300 3.15 25.83 -44.24
N SER B 301 3.20 27.09 -43.81
CA SER B 301 4.45 27.86 -43.58
C SER B 301 5.33 27.19 -42.51
N LEU B 302 4.72 26.40 -41.64
CA LEU B 302 5.41 25.73 -40.50
C LEU B 302 6.45 24.76 -41.06
N LYS B 303 7.74 25.00 -40.77
CA LYS B 303 8.89 24.21 -41.28
C LYS B 303 9.50 23.39 -40.13
N LEU B 304 9.50 23.91 -38.90
CA LEU B 304 9.98 23.17 -37.70
C LEU B 304 9.00 23.32 -36.52
N LEU B 305 8.57 22.20 -35.92
CA LEU B 305 7.86 22.16 -34.61
C LEU B 305 8.79 21.57 -33.54
N GLN B 306 9.21 22.37 -32.56
CA GLN B 306 9.96 21.88 -31.37
C GLN B 306 8.94 21.32 -30.37
N VAL B 307 9.22 20.15 -29.78
CA VAL B 307 8.45 19.57 -28.66
C VAL B 307 9.42 19.19 -27.52
N GLY B 308 9.11 19.62 -26.29
CA GLY B 308 9.86 19.27 -25.07
C GLY B 308 9.12 19.69 -23.80
N GLY B 309 9.84 19.64 -22.68
CA GLY B 309 9.26 19.82 -21.34
C GLY B 309 8.86 18.51 -20.71
N ALA B 310 8.45 17.55 -21.54
CA ALA B 310 7.99 16.20 -21.16
C ALA B 310 8.16 15.30 -22.38
N ARG B 311 8.27 14.00 -22.16
CA ARG B 311 8.53 12.97 -23.23
C ARG B 311 7.35 12.95 -24.22
N LEU B 312 7.64 13.09 -25.50
CA LEU B 312 6.68 12.92 -26.62
C LEU B 312 6.64 11.44 -26.95
N SER B 313 5.46 10.82 -26.91
CA SER B 313 5.26 9.41 -27.31
C SER B 313 5.62 9.29 -28.81
N ALA B 314 6.30 8.19 -29.17
CA ALA B 314 6.64 7.84 -30.58
C ALA B 314 5.40 7.94 -31.47
N THR B 315 4.25 7.52 -30.95
CA THR B 315 2.94 7.52 -31.65
C THR B 315 2.63 8.96 -32.08
N LEU B 316 2.71 9.88 -31.11
CA LEU B 316 2.37 11.32 -31.30
C LEU B 316 3.41 11.95 -32.22
N ALA B 317 4.69 11.63 -32.01
CA ALA B 317 5.84 12.15 -32.77
C ALA B 317 5.67 11.89 -34.27
N ALA B 318 5.27 10.65 -34.62
CA ALA B 318 5.22 10.15 -36.01
C ALA B 318 4.13 10.91 -36.78
N ARG B 319 3.09 11.36 -36.07
CA ARG B 319 1.88 12.00 -36.67
C ARG B 319 2.21 13.43 -37.10
N ILE B 320 3.25 14.05 -36.56
CA ILE B 320 3.58 15.47 -36.85
C ILE B 320 3.93 15.63 -38.33
N PRO B 321 4.92 14.89 -38.89
CA PRO B 321 5.23 15.02 -40.32
C PRO B 321 4.03 14.63 -41.21
N ALA B 322 3.32 13.55 -40.88
CA ALA B 322 2.15 13.05 -41.64
C ALA B 322 0.99 14.06 -41.63
N GLU B 323 0.48 14.40 -40.45
CA GLU B 323 -0.76 15.20 -40.27
C GLU B 323 -0.51 16.72 -40.34
N ILE B 324 0.68 17.22 -39.91
CA ILE B 324 1.00 18.69 -39.94
C ILE B 324 1.96 19.02 -41.10
N GLY B 325 2.91 18.15 -41.47
CA GLY B 325 3.76 18.38 -42.67
C GLY B 325 4.93 19.34 -42.43
N CYS B 326 5.47 19.32 -41.21
CA CYS B 326 6.76 19.96 -40.82
C CYS B 326 7.70 18.94 -40.17
N GLN B 327 8.97 19.32 -40.05
CA GLN B 327 10.01 18.56 -39.32
C GLN B 327 9.69 18.67 -37.82
N LEU B 328 9.89 17.58 -37.07
CA LEU B 328 9.86 17.55 -35.58
C LEU B 328 11.28 17.78 -35.02
N GLN B 329 11.38 18.52 -33.91
CA GLN B 329 12.60 18.56 -33.05
C GLN B 329 12.22 18.25 -31.61
N GLN B 330 12.72 17.13 -31.08
CA GLN B 330 12.58 16.82 -29.64
C GLN B 330 13.61 17.66 -28.89
N VAL B 331 13.16 18.32 -27.83
CA VAL B 331 13.99 19.20 -26.95
C VAL B 331 13.85 18.68 -25.53
N PHE B 332 14.90 18.04 -25.00
CA PHE B 332 15.00 17.60 -23.59
C PHE B 332 16.02 18.48 -22.89
N GLY B 333 15.50 19.53 -22.25
CA GLY B 333 16.31 20.57 -21.58
C GLY B 333 15.89 20.71 -20.15
N MET B 334 16.64 21.51 -19.40
CA MET B 334 16.31 21.95 -18.02
C MET B 334 16.83 23.39 -17.79
N ALA B 335 16.20 24.13 -16.89
CA ALA B 335 16.60 25.48 -16.43
C ALA B 335 18.03 25.49 -15.87
N GLU B 336 18.49 24.37 -15.30
CA GLU B 336 19.82 24.28 -14.63
C GLU B 336 20.95 24.27 -15.68
N GLY B 337 20.62 24.01 -16.96
CA GLY B 337 21.53 24.25 -18.11
C GLY B 337 21.24 23.33 -19.27
N LEU B 338 21.83 22.13 -19.24
CA LEU B 338 21.87 21.09 -20.32
C LEU B 338 20.57 21.06 -21.12
N VAL B 339 20.74 21.13 -22.43
CA VAL B 339 19.64 21.00 -23.41
C VAL B 339 20.09 19.99 -24.45
N ASN B 340 19.33 18.90 -24.58
CA ASN B 340 19.50 17.88 -25.64
C ASN B 340 18.55 18.26 -26.77
N TYR B 341 18.99 18.08 -28.02
CA TYR B 341 18.23 18.35 -29.25
C TYR B 341 18.38 17.17 -30.21
N THR B 342 17.32 16.83 -30.95
CA THR B 342 17.43 16.05 -32.22
C THR B 342 17.91 17.06 -33.26
N ARG B 343 18.71 16.62 -34.23
CA ARG B 343 19.27 17.53 -35.26
C ARG B 343 18.31 17.56 -36.45
N LEU B 344 18.34 18.63 -37.25
CA LEU B 344 17.44 18.81 -38.42
C LEU B 344 17.76 17.77 -39.51
N ASP B 345 18.91 17.11 -39.44
CA ASP B 345 19.37 16.09 -40.44
C ASP B 345 19.45 14.73 -39.76
N ASP B 346 18.84 14.55 -38.59
CA ASP B 346 18.80 13.23 -37.90
C ASP B 346 17.87 12.31 -38.70
N SER B 347 18.05 10.99 -38.60
CA SER B 347 17.13 9.97 -39.14
C SER B 347 15.77 10.15 -38.49
N ALA B 348 14.69 9.78 -39.18
CA ALA B 348 13.32 9.71 -38.60
C ALA B 348 13.38 8.86 -37.33
N GLU B 349 14.21 7.82 -37.32
CA GLU B 349 14.26 6.88 -36.18
C GLU B 349 14.65 7.66 -34.91
N LYS B 350 15.65 8.54 -34.97
CA LYS B 350 16.18 9.28 -33.81
C LYS B 350 15.24 10.39 -33.36
N ILE B 351 14.58 11.09 -34.29
CA ILE B 351 13.64 12.23 -34.03
C ILE B 351 12.37 11.71 -33.35
N ILE B 352 11.90 10.50 -33.72
CA ILE B 352 10.59 9.93 -33.29
C ILE B 352 10.75 9.27 -31.92
N HIS B 353 11.89 8.64 -31.66
CA HIS B 353 12.05 7.64 -30.55
C HIS B 353 12.92 8.17 -29.41
N THR B 354 13.73 9.21 -29.65
CA THR B 354 14.76 9.71 -28.68
C THR B 354 14.58 11.21 -28.43
N GLN B 355 15.23 11.70 -27.38
CA GLN B 355 15.26 13.13 -27.04
C GLN B 355 16.61 13.72 -27.44
N GLY B 356 17.24 13.18 -28.51
CA GLY B 356 18.48 13.71 -29.10
C GLY B 356 19.70 13.56 -28.20
N TYR B 357 20.66 14.50 -28.29
CA TYR B 357 21.93 14.53 -27.49
C TYR B 357 22.34 15.98 -27.21
N PRO B 358 23.32 16.21 -26.30
CA PRO B 358 23.71 17.55 -25.89
C PRO B 358 24.15 18.52 -27.01
N MET B 359 23.75 19.78 -26.84
CA MET B 359 24.04 20.86 -27.81
C MET B 359 25.56 21.09 -27.86
N CYS B 360 26.26 20.84 -26.75
CA CYS B 360 27.72 21.12 -26.65
C CYS B 360 28.51 19.82 -26.71
N PRO B 361 29.62 19.79 -27.50
CA PRO B 361 30.54 18.66 -27.50
C PRO B 361 31.16 18.45 -26.12
N ASP B 362 31.35 19.55 -25.36
CA ASP B 362 31.96 19.54 -24.01
C ASP B 362 30.89 19.52 -22.91
N ASP B 363 29.61 19.34 -23.26
CA ASP B 363 28.58 18.84 -22.32
C ASP B 363 28.97 17.41 -21.99
N GLU B 364 29.06 17.12 -20.69
CA GLU B 364 29.50 15.80 -20.18
C GLU B 364 28.27 15.15 -19.53
N VAL B 365 27.95 13.94 -19.99
CA VAL B 365 26.70 13.21 -19.61
C VAL B 365 27.06 11.74 -19.37
N TRP B 366 26.90 11.26 -18.16
CA TRP B 366 27.03 9.83 -17.85
C TRP B 366 25.81 9.41 -17.02
N VAL B 367 25.58 8.11 -16.93
CA VAL B 367 24.40 7.51 -16.26
C VAL B 367 24.89 6.76 -15.01
N ALA B 368 24.30 7.05 -13.85
CA ALA B 368 24.77 6.57 -12.54
C ALA B 368 23.76 5.58 -11.96
N ASP B 369 24.26 4.56 -11.27
CA ASP B 369 23.45 3.65 -10.41
C ASP B 369 23.13 4.38 -9.11
N ALA B 370 22.38 3.71 -8.22
CA ALA B 370 21.91 4.25 -6.92
C ALA B 370 23.09 4.79 -6.10
N GLU B 371 24.29 4.20 -6.18
CA GLU B 371 25.45 4.54 -5.30
C GLU B 371 26.31 5.65 -5.92
N GLY B 372 26.32 5.79 -7.26
CA GLY B 372 27.09 6.85 -7.94
C GLY B 372 28.12 6.32 -8.91
N ASN B 373 28.03 5.07 -9.35
CA ASN B 373 29.01 4.48 -10.31
C ASN B 373 28.50 4.62 -11.76
N PRO B 374 29.39 4.85 -12.74
CA PRO B 374 28.97 4.82 -14.15
C PRO B 374 28.32 3.48 -14.53
N LEU B 375 27.20 3.53 -15.25
CA LEU B 375 26.54 2.33 -15.82
C LEU B 375 26.91 2.24 -17.30
N PRO B 376 27.17 1.02 -17.84
CA PRO B 376 27.57 0.89 -19.25
C PRO B 376 26.48 1.35 -20.22
N GLN B 377 26.73 1.23 -21.53
CA GLN B 377 26.11 2.07 -22.59
C GLN B 377 24.59 2.07 -22.54
N GLY B 378 23.88 0.96 -22.76
CA GLY B 378 22.41 1.00 -22.93
C GLY B 378 21.63 0.86 -21.63
N GLU B 379 22.26 1.04 -20.45
CA GLU B 379 21.60 0.82 -19.13
C GLU B 379 20.83 2.06 -18.68
N VAL B 380 19.84 1.85 -17.81
CA VAL B 380 18.90 2.90 -17.31
C VAL B 380 19.41 3.40 -15.96
N GLY B 381 19.64 4.71 -15.82
CA GLY B 381 20.05 5.32 -14.53
C GLY B 381 19.91 6.83 -14.45
N ARG B 382 20.51 7.44 -13.43
CA ARG B 382 20.43 8.88 -13.10
C ARG B 382 21.30 9.69 -14.05
N LEU B 383 20.73 10.77 -14.61
CA LEU B 383 21.46 11.71 -15.51
C LEU B 383 22.39 12.58 -14.67
N MET B 384 23.70 12.47 -14.94
CA MET B 384 24.80 13.25 -14.31
C MET B 384 25.47 14.07 -15.42
N THR B 385 25.45 15.41 -15.30
CA THR B 385 25.93 16.34 -16.35
C THR B 385 26.71 17.49 -15.73
N ARG B 386 27.66 18.03 -16.50
CA ARG B 386 28.26 19.37 -16.30
C ARG B 386 28.78 19.87 -17.65
N GLY B 387 28.87 21.19 -17.83
CA GLY B 387 29.25 21.77 -19.12
C GLY B 387 29.32 23.29 -19.03
N PRO B 388 29.64 23.95 -20.16
CA PRO B 388 29.81 25.40 -20.20
C PRO B 388 28.55 26.28 -20.00
N TYR B 389 27.35 25.74 -20.04
CA TYR B 389 26.12 26.52 -19.75
C TYR B 389 25.33 25.83 -18.62
N THR B 390 25.94 24.90 -17.87
CA THR B 390 25.26 24.20 -16.76
C THR B 390 25.83 24.70 -15.45
N PHE B 391 24.96 25.12 -14.54
CA PHE B 391 25.33 25.85 -13.30
C PHE B 391 26.12 24.92 -12.36
N ARG B 392 26.66 25.53 -11.30
CA ARG B 392 27.49 24.87 -10.26
C ARG B 392 26.84 25.04 -8.89
N GLY B 393 25.69 25.71 -8.83
CA GLY B 393 24.94 25.85 -7.57
C GLY B 393 23.75 26.77 -7.71
N TYR B 394 22.70 26.47 -6.95
CA TYR B 394 21.52 27.33 -6.78
C TYR B 394 21.91 28.52 -5.90
N TYR B 395 21.20 29.64 -6.02
CA TYR B 395 21.46 30.92 -5.31
C TYR B 395 21.24 30.73 -3.80
N LYS B 396 22.26 31.01 -2.98
CA LYS B 396 22.17 31.03 -1.51
C LYS B 396 21.50 29.75 -0.99
N SER B 397 21.99 28.58 -1.39
CA SER B 397 21.41 27.25 -1.04
C SER B 397 22.52 26.25 -0.74
N PRO B 398 23.38 26.56 0.27
CA PRO B 398 24.51 25.70 0.63
C PRO B 398 24.06 24.28 1.04
N GLN B 399 22.98 24.21 1.83
CA GLN B 399 22.34 22.95 2.29
C GLN B 399 22.09 22.10 1.04
N HIS B 400 21.25 22.60 0.11
CA HIS B 400 20.72 21.85 -1.07
C HIS B 400 21.85 21.58 -2.07
N ASN B 401 22.74 22.56 -2.27
CA ASN B 401 23.89 22.49 -3.23
C ASN B 401 24.83 21.33 -2.84
N ALA B 402 24.98 21.06 -1.54
CA ALA B 402 25.80 19.95 -1.01
C ALA B 402 25.28 18.62 -1.57
N SER B 403 23.95 18.49 -1.68
CA SER B 403 23.19 17.30 -2.15
C SER B 403 23.08 17.27 -3.68
N ALA B 404 22.97 18.42 -4.36
CA ALA B 404 22.60 18.46 -5.79
C ALA B 404 23.79 18.12 -6.70
N PHE B 405 25.02 18.17 -6.18
CA PHE B 405 26.27 17.99 -6.97
C PHE B 405 27.19 16.96 -6.28
N ASP B 406 27.79 16.07 -7.07
CA ASP B 406 28.83 15.11 -6.60
C ASP B 406 30.14 15.88 -6.40
N ALA B 407 31.20 15.19 -5.96
CA ALA B 407 32.49 15.78 -5.51
C ALA B 407 33.16 16.52 -6.67
N ASN B 408 32.94 16.05 -7.91
CA ASN B 408 33.54 16.64 -9.15
C ASN B 408 32.65 17.73 -9.79
N GLY B 409 31.55 18.15 -9.14
CA GLY B 409 30.68 19.24 -9.63
C GLY B 409 29.72 18.79 -10.75
N PHE B 410 29.52 17.47 -10.90
CA PHE B 410 28.45 16.89 -11.76
C PHE B 410 27.10 17.11 -11.09
N TYR B 411 26.13 17.63 -11.85
CA TYR B 411 24.75 17.91 -11.39
C TYR B 411 23.87 16.71 -11.73
N CYS B 412 23.09 16.24 -10.76
CA CYS B 412 22.08 15.18 -11.00
C CYS B 412 20.73 15.84 -11.34
N SER B 413 20.21 15.63 -12.53
CA SER B 413 18.95 16.24 -13.04
C SER B 413 17.73 15.63 -12.32
N GLY B 414 17.90 14.47 -11.68
CA GLY B 414 16.82 13.72 -11.03
C GLY B 414 16.04 12.91 -12.04
N ASP B 415 16.55 12.86 -13.27
CA ASP B 415 15.94 12.17 -14.44
C ASP B 415 16.61 10.82 -14.61
N LEU B 416 15.83 9.77 -14.89
CA LEU B 416 16.40 8.45 -15.28
C LEU B 416 16.44 8.38 -16.82
N ILE B 417 17.59 8.01 -17.37
CA ILE B 417 17.80 7.94 -18.83
C ILE B 417 18.55 6.66 -19.20
N SER B 418 18.51 6.33 -20.48
CA SER B 418 19.43 5.40 -21.17
C SER B 418 20.05 6.16 -22.35
N ILE B 419 21.18 5.64 -22.86
CA ILE B 419 21.87 6.18 -24.05
C ILE B 419 21.98 5.05 -25.08
N ASP B 420 21.58 5.32 -26.33
CA ASP B 420 21.85 4.52 -27.55
C ASP B 420 23.34 4.23 -27.73
N PRO B 421 23.69 3.15 -28.48
CA PRO B 421 25.04 3.01 -29.04
C PRO B 421 25.49 4.21 -29.89
N GLU B 422 24.53 4.95 -30.46
CA GLU B 422 24.78 6.12 -31.35
C GLU B 422 24.98 7.39 -30.51
N GLY B 423 24.73 7.33 -29.20
CA GLY B 423 25.01 8.42 -28.25
C GLY B 423 23.81 9.31 -27.96
N TYR B 424 22.60 8.86 -28.32
CA TYR B 424 21.30 9.56 -28.13
C TYR B 424 20.63 9.15 -26.82
N ILE B 425 20.08 10.15 -26.12
CA ILE B 425 19.42 10.05 -24.79
C ILE B 425 17.93 9.76 -25.00
N THR B 426 17.41 8.84 -24.20
CA THR B 426 15.96 8.54 -24.08
C THR B 426 15.61 8.69 -22.62
N VAL B 427 14.55 9.45 -22.32
CA VAL B 427 14.05 9.66 -20.92
C VAL B 427 13.14 8.48 -20.55
N GLN B 428 13.50 7.75 -19.48
CA GLN B 428 12.84 6.48 -19.09
C GLN B 428 11.98 6.69 -17.85
N GLY B 429 12.37 7.62 -16.98
CA GLY B 429 11.66 7.84 -15.72
C GLY B 429 12.24 9.00 -14.95
N ARG B 430 11.91 9.06 -13.66
CA ARG B 430 12.19 10.23 -12.81
C ARG B 430 12.41 9.76 -11.38
N GLU B 431 13.45 10.27 -10.74
CA GLU B 431 13.70 10.02 -9.31
C GLU B 431 13.26 11.24 -8.50
N LYS B 432 13.43 12.46 -9.02
CA LYS B 432 13.15 13.69 -8.23
C LYS B 432 11.65 13.78 -7.89
N ASP B 433 11.35 14.25 -6.69
CA ASP B 433 9.98 14.31 -6.14
C ASP B 433 9.22 15.44 -6.87
N GLN B 434 8.97 15.28 -8.18
CA GLN B 434 8.45 16.34 -9.09
C GLN B 434 7.37 15.72 -9.99
N ILE B 435 6.22 16.37 -10.06
CA ILE B 435 5.16 16.02 -11.04
C ILE B 435 5.32 16.90 -12.28
N ASN B 436 5.41 16.26 -13.45
CA ASN B 436 5.47 16.91 -14.79
C ASN B 436 4.05 16.92 -15.36
N ARG B 437 3.27 17.93 -15.03
CA ARG B 437 1.88 18.10 -15.51
C ARG B 437 1.90 18.84 -16.85
N GLY B 438 1.97 18.09 -17.96
CA GLY B 438 1.90 18.63 -19.32
C GLY B 438 3.11 19.49 -19.68
N GLY B 439 4.24 19.31 -18.96
CA GLY B 439 5.47 20.12 -19.13
C GLY B 439 5.65 21.13 -18.01
N GLU B 440 4.58 21.44 -17.27
CA GLU B 440 4.60 22.35 -16.09
C GLU B 440 4.97 21.53 -14.87
N LYS B 441 5.90 22.05 -14.07
CA LYS B 441 6.61 21.33 -12.98
C LYS B 441 6.04 21.69 -11.60
N ILE B 442 5.75 20.66 -10.81
CA ILE B 442 5.23 20.77 -9.42
C ILE B 442 6.22 20.09 -8.50
N ALA B 443 6.85 20.85 -7.62
CA ALA B 443 7.62 20.31 -6.48
C ALA B 443 6.60 19.75 -5.47
N ALA B 444 6.54 18.43 -5.36
CA ALA B 444 5.58 17.69 -4.52
C ALA B 444 5.63 18.16 -3.06
N GLU B 445 6.84 18.40 -2.54
CA GLU B 445 7.10 18.78 -1.14
C GLU B 445 6.47 20.14 -0.86
N GLU B 446 6.55 21.06 -1.82
CA GLU B 446 5.92 22.40 -1.75
C GLU B 446 4.41 22.26 -1.44
N ILE B 447 3.72 21.38 -2.17
CA ILE B 447 2.23 21.24 -2.08
C ILE B 447 1.90 20.47 -0.82
N GLU B 448 2.72 19.48 -0.47
CA GLU B 448 2.62 18.69 0.78
C GLU B 448 2.72 19.63 2.00
N ASN B 449 3.67 20.55 1.99
CA ASN B 449 3.85 21.49 3.11
C ASN B 449 2.59 22.34 3.25
N LEU B 450 2.02 22.81 2.15
CA LEU B 450 0.75 23.59 2.18
C LEU B 450 -0.41 22.68 2.65
N LEU B 451 -0.46 21.43 2.21
CA LEU B 451 -1.54 20.50 2.62
C LEU B 451 -1.48 20.24 4.13
N LEU B 452 -0.30 20.08 4.74
CA LEU B 452 -0.15 19.79 6.19
C LEU B 452 -0.66 20.98 7.02
N ARG B 453 -0.58 22.21 6.50
CA ARG B 453 -1.16 23.43 7.14
C ARG B 453 -2.67 23.30 7.38
N HIS B 454 -3.38 22.43 6.67
CA HIS B 454 -4.85 22.25 6.83
C HIS B 454 -5.13 21.55 8.16
N PRO B 455 -6.03 22.11 9.01
CA PRO B 455 -6.32 21.53 10.33
C PRO B 455 -6.64 20.04 10.27
N ALA B 456 -7.26 19.58 9.19
CA ALA B 456 -7.76 18.19 9.04
C ALA B 456 -6.62 17.23 8.63
N VAL B 457 -5.56 17.77 8.02
CA VAL B 457 -4.52 16.96 7.32
C VAL B 457 -3.37 16.66 8.29
N ILE B 458 -3.15 15.38 8.54
CA ILE B 458 -2.08 14.87 9.42
C ILE B 458 -0.88 14.53 8.54
N TYR B 459 -1.11 13.78 7.45
CA TYR B 459 -0.07 13.36 6.46
C TYR B 459 -0.56 13.62 5.03
N ALA B 460 0.37 14.04 4.17
CA ALA B 460 0.12 14.37 2.76
C ALA B 460 1.20 13.75 1.89
N ALA B 461 0.79 13.05 0.84
CA ALA B 461 1.65 12.57 -0.25
C ALA B 461 1.04 13.01 -1.59
N LEU B 462 1.82 13.77 -2.36
CA LEU B 462 1.45 14.18 -3.74
C LEU B 462 2.24 13.34 -4.74
N VAL B 463 1.55 12.64 -5.65
CA VAL B 463 2.18 11.73 -6.65
C VAL B 463 1.52 11.98 -8.00
N SER B 464 2.24 11.67 -9.08
CA SER B 464 1.70 11.69 -10.46
C SER B 464 0.79 10.48 -10.68
N MET B 465 -0.23 10.68 -11.49
CA MET B 465 -1.01 9.57 -12.07
C MET B 465 -0.98 9.74 -13.59
N GLU B 466 -0.84 8.65 -14.33
CA GLU B 466 -0.89 8.65 -15.82
C GLU B 466 -2.14 9.46 -16.23
N ASP B 467 -2.04 10.34 -17.22
CA ASP B 467 -3.20 10.97 -17.93
C ASP B 467 -2.85 11.00 -19.43
N GLU B 468 -3.79 10.66 -20.33
CA GLU B 468 -3.48 10.46 -21.77
C GLU B 468 -3.01 11.81 -22.37
N LEU B 469 -3.77 12.89 -22.15
CA LEU B 469 -3.49 14.22 -22.73
C LEU B 469 -2.24 14.83 -22.08
N MET B 470 -2.27 14.95 -20.74
CA MET B 470 -1.34 15.79 -19.95
C MET B 470 -0.06 15.03 -19.64
N GLY B 471 -0.06 13.72 -19.86
CA GLY B 471 1.07 12.82 -19.51
C GLY B 471 1.00 12.45 -18.03
N GLU B 472 0.88 13.46 -17.16
CA GLU B 472 0.72 13.28 -15.70
C GLU B 472 -0.24 14.34 -15.15
N LYS B 473 -1.14 13.91 -14.27
CA LYS B 473 -1.96 14.76 -13.39
C LYS B 473 -1.49 14.52 -11.95
N SER B 474 -1.91 15.38 -11.04
CA SER B 474 -1.51 15.39 -9.61
C SER B 474 -2.61 14.71 -8.78
N CYS B 475 -2.20 13.82 -7.88
CA CYS B 475 -3.08 13.23 -6.85
C CYS B 475 -2.50 13.45 -5.47
N ALA B 476 -3.29 14.06 -4.58
CA ALA B 476 -2.98 14.20 -3.15
C ALA B 476 -3.59 13.02 -2.40
N TYR B 477 -2.72 12.19 -1.81
CA TYR B 477 -3.06 11.20 -0.77
C TYR B 477 -2.95 11.88 0.58
N LEU B 478 -4.04 11.85 1.35
CA LEU B 478 -4.14 12.62 2.62
C LEU B 478 -4.55 11.67 3.73
N VAL B 479 -3.97 11.87 4.91
CA VAL B 479 -4.38 11.18 6.16
C VAL B 479 -5.09 12.23 7.01
N VAL B 480 -6.39 12.03 7.29
CA VAL B 480 -7.29 13.12 7.73
C VAL B 480 -7.99 12.76 9.05
N LYS B 481 -8.27 13.80 9.85
CA LYS B 481 -9.07 13.75 11.12
C LYS B 481 -10.54 13.49 10.84
N GLU B 482 -11.06 13.91 9.68
CA GLU B 482 -12.33 13.39 9.13
C GLU B 482 -12.33 13.64 7.62
N PRO B 483 -12.97 12.75 6.82
CA PRO B 483 -13.21 13.00 5.39
C PRO B 483 -13.39 14.46 4.98
N LEU B 484 -12.76 14.78 3.84
CA LEU B 484 -12.36 16.11 3.28
C LEU B 484 -12.52 15.97 1.76
N ARG B 485 -13.46 16.70 1.16
CA ARG B 485 -13.74 16.66 -0.30
C ARG B 485 -12.60 17.40 -1.03
N ALA B 486 -12.40 17.08 -2.31
CA ALA B 486 -11.41 17.69 -3.22
C ALA B 486 -11.61 19.20 -3.35
N VAL B 487 -12.86 19.68 -3.48
CA VAL B 487 -13.17 21.14 -3.59
C VAL B 487 -12.65 21.87 -2.35
N GLN B 488 -12.57 21.19 -1.20
CA GLN B 488 -12.13 21.83 0.07
C GLN B 488 -10.61 22.02 0.04
N VAL B 489 -9.86 20.98 -0.34
CA VAL B 489 -8.38 21.04 -0.53
C VAL B 489 -8.08 22.17 -1.52
N ARG B 490 -8.79 22.20 -2.64
CA ARG B 490 -8.49 23.15 -3.74
C ARG B 490 -8.83 24.57 -3.26
N ARG B 491 -9.95 24.78 -2.58
CA ARG B 491 -10.30 26.13 -2.06
C ARG B 491 -9.18 26.60 -1.14
N PHE B 492 -8.79 25.71 -0.21
CA PHE B 492 -7.75 25.95 0.81
C PHE B 492 -6.42 26.31 0.12
N LEU B 493 -5.99 25.53 -0.88
CA LEU B 493 -4.70 25.80 -1.56
C LEU B 493 -4.75 27.13 -2.31
N ARG B 494 -5.87 27.47 -2.94
CA ARG B 494 -6.08 28.80 -3.59
C ARG B 494 -5.88 29.92 -2.56
N GLU B 495 -6.48 29.83 -1.37
CA GLU B 495 -6.31 30.79 -0.24
C GLU B 495 -4.79 31.01 -0.01
N GLN B 496 -4.04 29.94 0.23
CA GLN B 496 -2.55 29.97 0.38
C GLN B 496 -1.89 30.71 -0.80
N GLY B 497 -2.46 30.63 -2.00
CA GLY B 497 -2.05 31.44 -3.15
C GLY B 497 -0.96 30.76 -3.95
N ILE B 498 -1.34 29.78 -4.76
CA ILE B 498 -0.42 29.06 -5.68
C ILE B 498 -1.02 29.07 -7.09
N ALA B 499 -0.20 28.72 -8.09
CA ALA B 499 -0.59 28.62 -9.51
C ALA B 499 -1.65 27.54 -9.69
N GLU B 500 -2.57 27.72 -10.66
CA GLU B 500 -3.72 26.80 -10.85
C GLU B 500 -3.18 25.41 -11.13
N PHE B 501 -2.12 25.30 -11.91
CA PHE B 501 -1.59 24.01 -12.39
C PHE B 501 -1.11 23.18 -11.19
N LYS B 502 -0.84 23.81 -10.04
CA LYS B 502 -0.35 23.12 -8.81
C LYS B 502 -1.49 22.63 -7.89
N LEU B 503 -2.75 22.87 -8.23
CA LEU B 503 -3.90 22.30 -7.48
C LEU B 503 -4.07 20.82 -7.81
N PRO B 504 -4.13 19.94 -6.81
CA PRO B 504 -4.35 18.52 -7.06
C PRO B 504 -5.53 18.27 -8.01
N ASP B 505 -5.29 17.51 -9.07
CA ASP B 505 -6.37 17.09 -9.99
C ASP B 505 -7.27 16.11 -9.24
N ARG B 506 -6.76 15.45 -8.21
CA ARG B 506 -7.46 14.33 -7.52
C ARG B 506 -7.04 14.32 -6.04
N VAL B 507 -8.00 14.06 -5.15
CA VAL B 507 -7.80 14.01 -3.68
C VAL B 507 -8.32 12.66 -3.18
N GLU B 508 -7.48 11.91 -2.44
CA GLU B 508 -7.79 10.59 -1.86
C GLU B 508 -7.49 10.61 -0.36
N CYS B 509 -8.52 10.39 0.47
CA CYS B 509 -8.39 10.28 1.93
C CYS B 509 -8.19 8.80 2.28
N VAL B 510 -7.17 8.49 3.07
CA VAL B 510 -6.75 7.10 3.39
C VAL B 510 -6.43 7.06 4.89
N ASP B 511 -6.43 5.87 5.51
CA ASP B 511 -6.20 5.73 6.99
C ASP B 511 -4.70 5.74 7.30
N SER B 512 -3.87 5.31 6.35
CA SER B 512 -2.40 5.09 6.50
C SER B 512 -1.67 5.29 5.16
N LEU B 513 -0.35 5.46 5.21
CA LEU B 513 0.52 5.62 4.00
C LEU B 513 1.66 4.62 4.03
N PRO B 514 2.03 4.03 2.87
CA PRO B 514 3.07 3.00 2.83
C PRO B 514 4.50 3.51 3.09
N LEU B 515 5.26 2.79 3.94
CA LEU B 515 6.63 3.11 4.42
C LEU B 515 7.61 2.02 3.94
N THR B 516 8.90 2.38 3.83
CA THR B 516 10.03 1.51 3.40
C THR B 516 11.04 1.48 4.56
N LYS B 520 9.61 6.25 5.43
CA LYS B 520 9.84 6.83 4.06
C LYS B 520 8.70 6.44 3.11
N VAL B 521 7.94 7.44 2.62
CA VAL B 521 6.66 7.30 1.85
C VAL B 521 6.98 6.72 0.46
N ASP B 522 6.44 5.55 0.15
CA ASP B 522 6.67 4.86 -1.14
C ASP B 522 5.70 5.47 -2.14
N LYS B 523 6.18 6.46 -2.89
CA LYS B 523 5.35 7.13 -3.93
C LYS B 523 5.18 6.19 -5.11
N LYS B 524 6.17 5.33 -5.39
CA LYS B 524 6.10 4.31 -6.49
C LYS B 524 4.86 3.42 -6.26
N GLN B 525 4.64 2.95 -5.01
CA GLN B 525 3.50 2.07 -4.64
C GLN B 525 2.20 2.84 -4.85
N LEU B 526 2.16 4.11 -4.40
CA LEU B 526 0.94 4.96 -4.48
C LEU B 526 0.53 5.24 -5.95
N ARG B 527 1.48 5.39 -6.89
CA ARG B 527 1.21 5.51 -8.35
C ARG B 527 0.42 4.28 -8.84
N GLN B 528 0.78 3.08 -8.34
CA GLN B 528 0.12 1.80 -8.70
C GLN B 528 -1.24 1.66 -7.98
N TRP B 529 -1.67 2.63 -7.16
CA TRP B 529 -2.98 2.70 -6.45
C TRP B 529 -3.00 1.77 -5.23
C2 VPT C . -18.27 -20.56 8.26
C4 VPT C . -17.42 -21.35 10.30
CBI VPT C . -14.87 -26.61 19.14
CBH VPT C . -16.00 -26.70 19.12
CBG VPT C . -17.24 -26.85 19.18
OBF VPT C . -17.83 -27.20 17.87
CBB VPT C . -17.48 -26.78 16.61
CBA VPT C . -16.51 -25.82 16.44
CBC VPT C . -18.14 -27.36 15.51
CBD VPT C . -17.81 -27.03 14.21
CBE VPT C . -16.81 -26.06 14.06
CAY VPT C . -16.15 -25.44 15.14
CAX VPT C . -15.13 -24.49 14.94
OAZ VPT C . -14.73 -24.23 13.80
NAU VPT C . -14.57 -24.00 16.08
SAT VPT C . -13.29 -23.02 16.06
OAV VPT C . -12.15 -23.77 15.41
OAW VPT C . -12.98 -22.62 17.52
O15 VPT C . -13.56 -21.75 15.20
C15 VPT C . -14.74 -20.99 15.35
C14 VPT C . -14.85 -20.28 14.02
O14 VPT C . -14.86 -21.17 12.81
C13 VPT C . -16.18 -19.47 13.95
O13 VPT C . -16.01 -18.27 14.73
C12 VPT C . -16.19 -19.17 12.48
O12 VPT C . -15.17 -18.17 12.29
C11 VPT C . -15.68 -20.49 11.83
N9 VPT C . -16.71 -21.45 11.41
C8 VPT C . -17.05 -22.57 12.04
N7 VPT C . -17.99 -23.17 11.36
C5 VPT C . -18.25 -22.42 10.26
N3 VPT C . -17.41 -20.39 9.33
N1 VPT C . -19.12 -21.69 8.21
C6 VPT C . -19.11 -22.60 9.22
N6 VPT C . -19.90 -23.70 9.21
C2 VPT D . 11.24 14.20 -21.20
C4 VPT D . 11.70 16.33 -20.42
CBI VPT D . 14.91 26.63 -19.02
CBH VPT D . 15.59 26.27 -20.09
CBG VPT D . 16.31 25.97 -21.24
OBF VPT D . 15.69 24.87 -22.07
CBB VPT D . 14.64 23.96 -21.89
CBA VPT D . 14.07 23.59 -20.68
CBC VPT D . 14.13 23.37 -23.05
CBD VPT D . 13.10 22.45 -22.98
CBE VPT D . 12.55 22.09 -21.76
CAY VPT D . 13.02 22.65 -20.60
CAX VPT D . 12.43 22.28 -19.35
OAZ VPT D . 11.40 21.56 -19.28
NAU VPT D . 13.02 22.86 -18.25
SAT VPT D . 12.45 22.62 -16.80
OAV VPT D . 11.08 23.15 -16.76
OAW VPT D . 13.42 23.31 -15.83
O15 VPT D . 12.24 21.13 -16.54
C15 VPT D . 13.31 20.26 -16.67
C14 VPT D . 12.69 18.85 -16.70
O14 VPT D . 11.65 18.62 -17.70
C13 VPT D . 13.81 17.85 -17.12
O13 VPT D . 14.72 17.66 -16.05
C12 VPT D . 12.97 16.65 -17.40
O12 VPT D . 12.50 16.10 -16.19
C11 VPT D . 11.78 17.29 -18.14
N9 VPT D . 11.90 17.36 -19.60
C8 VPT D . 12.18 18.41 -20.36
N7 VPT D . 12.16 18.05 -21.64
C5 VPT D . 11.86 16.76 -21.68
N3 VPT D . 11.39 15.07 -20.12
N1 VPT D . 11.42 14.65 -22.53
C6 VPT D . 11.72 15.95 -22.73
N6 VPT D . 11.89 16.49 -23.95
#